data_3E21
# 
_entry.id   3E21 
# 
_audit_conform.dict_name       mmcif_pdbx.dic 
_audit_conform.dict_version    5.380 
_audit_conform.dict_location   http://mmcif.pdb.org/dictionaries/ascii/mmcif_pdbx.dic 
# 
loop_
_database_2.database_id 
_database_2.database_code 
_database_2.pdbx_database_accession 
_database_2.pdbx_DOI 
PDB   3E21         pdb_00003e21 10.2210/pdb3e21/pdb 
RCSB  RCSB048775   ?            ?                   
WWPDB D_1000048775 ?            ?                   
# 
_pdbx_database_status.status_code                     REL 
_pdbx_database_status.entry_id                        3E21 
_pdbx_database_status.recvd_initial_deposition_date   2008-08-05 
_pdbx_database_status.deposit_site                    RCSB 
_pdbx_database_status.process_site                    PDBJ 
_pdbx_database_status.status_code_sf                  REL 
_pdbx_database_status.status_code_mr                  ? 
_pdbx_database_status.SG_entry                        ? 
_pdbx_database_status.pdb_format_compatible           Y 
_pdbx_database_status.status_code_cs                  ? 
_pdbx_database_status.status_code_nmr_data            ? 
_pdbx_database_status.methods_development_category    ? 
# 
loop_
_audit_author.name 
_audit_author.pdbx_ordinal 
'Park, J.K.' 1 
'Kim, E.E.'  2 
# 
_citation.id                        primary 
_citation.title                     'Crystal structure of FAF-1 UBA Domain' 
_citation.journal_abbrev            'To be Published' 
_citation.journal_volume            ? 
_citation.page_first                ? 
_citation.page_last                 ? 
_citation.year                      ? 
_citation.journal_id_ASTM           ? 
_citation.country                   ? 
_citation.journal_id_ISSN           ? 
_citation.journal_id_CSD            0353 
_citation.book_publisher            ? 
_citation.pdbx_database_id_PubMed   ? 
_citation.pdbx_database_id_DOI      ? 
# 
loop_
_citation_author.citation_id 
_citation_author.name 
_citation_author.ordinal 
_citation_author.identifier_ORCID 
primary 'Park, J.K.' 1 ? 
primary 'Kim, E.E.'  2 ? 
# 
_cell.entry_id           3E21 
_cell.length_a           31.515 
_cell.length_b           34.757 
_cell.length_c           36.129 
_cell.angle_alpha        90.00 
_cell.angle_beta         90.00 
_cell.angle_gamma        90.00 
_cell.Z_PDB              4 
_cell.pdbx_unique_axis   ? 
_cell.length_a_esd       ? 
_cell.length_b_esd       ? 
_cell.length_c_esd       ? 
_cell.angle_alpha_esd    ? 
_cell.angle_beta_esd     ? 
_cell.angle_gamma_esd    ? 
# 
_symmetry.entry_id                         3E21 
_symmetry.space_group_name_H-M             'P 21 21 21' 
_symmetry.pdbx_full_space_group_name_H-M   ? 
_symmetry.cell_setting                     ? 
_symmetry.Int_Tables_number                19 
_symmetry.space_group_name_Hall            ? 
# 
loop_
_entity.id 
_entity.type 
_entity.src_method 
_entity.pdbx_description 
_entity.formula_weight 
_entity.pdbx_number_of_molecules 
_entity.pdbx_ec 
_entity.pdbx_mutation 
_entity.pdbx_fragment 
_entity.details 
1 polymer man 'FAS-associated factor 1' 4934.514 1  ? ? 'Ubiquitin-associated Domain, UNP residues 5-47' ? 
2 water   nat water                     18.015   32 ? ? ?                                                ? 
# 
_entity_name_com.entity_id   1 
_entity_name_com.name        hFAF1 
# 
_entity_poly.entity_id                      1 
_entity_poly.type                           'polypeptide(L)' 
_entity_poly.nstd_linkage                   no 
_entity_poly.nstd_monomer                   no 
_entity_poly.pdbx_seq_one_letter_code       GSMDREMILADFQACTGIENIDEAITLLEQNNWDLVAAINGVIPQ 
_entity_poly.pdbx_seq_one_letter_code_can   GSMDREMILADFQACTGIENIDEAITLLEQNNWDLVAAINGVIPQ 
_entity_poly.pdbx_strand_id                 A 
_entity_poly.pdbx_target_identifier         ? 
# 
loop_
_entity_poly_seq.entity_id 
_entity_poly_seq.num 
_entity_poly_seq.mon_id 
_entity_poly_seq.hetero 
1 1  GLY n 
1 2  SER n 
1 3  MET n 
1 4  ASP n 
1 5  ARG n 
1 6  GLU n 
1 7  MET n 
1 8  ILE n 
1 9  LEU n 
1 10 ALA n 
1 11 ASP n 
1 12 PHE n 
1 13 GLN n 
1 14 ALA n 
1 15 CYS n 
1 16 THR n 
1 17 GLY n 
1 18 ILE n 
1 19 GLU n 
1 20 ASN n 
1 21 ILE n 
1 22 ASP n 
1 23 GLU n 
1 24 ALA n 
1 25 ILE n 
1 26 THR n 
1 27 LEU n 
1 28 LEU n 
1 29 GLU n 
1 30 GLN n 
1 31 ASN n 
1 32 ASN n 
1 33 TRP n 
1 34 ASP n 
1 35 LEU n 
1 36 VAL n 
1 37 ALA n 
1 38 ALA n 
1 39 ILE n 
1 40 ASN n 
1 41 GLY n 
1 42 VAL n 
1 43 ILE n 
1 44 PRO n 
1 45 GLN n 
# 
_entity_src_gen.entity_id                          1 
_entity_src_gen.pdbx_src_id                        1 
_entity_src_gen.pdbx_alt_source_flag               sample 
_entity_src_gen.pdbx_seq_type                      ? 
_entity_src_gen.pdbx_beg_seq_num                   ? 
_entity_src_gen.pdbx_end_seq_num                   ? 
_entity_src_gen.gene_src_common_name               Human 
_entity_src_gen.gene_src_genus                     ? 
_entity_src_gen.pdbx_gene_src_gene                 FAF1 
_entity_src_gen.gene_src_species                   ? 
_entity_src_gen.gene_src_strain                    ? 
_entity_src_gen.gene_src_tissue                    ? 
_entity_src_gen.gene_src_tissue_fraction           ? 
_entity_src_gen.gene_src_details                   ? 
_entity_src_gen.pdbx_gene_src_fragment             ? 
_entity_src_gen.pdbx_gene_src_scientific_name      'Homo sapiens' 
_entity_src_gen.pdbx_gene_src_ncbi_taxonomy_id     9606 
_entity_src_gen.pdbx_gene_src_variant              ? 
_entity_src_gen.pdbx_gene_src_cell_line            ? 
_entity_src_gen.pdbx_gene_src_atcc                 ? 
_entity_src_gen.pdbx_gene_src_organ                ? 
_entity_src_gen.pdbx_gene_src_organelle            ? 
_entity_src_gen.pdbx_gene_src_cell                 ? 
_entity_src_gen.pdbx_gene_src_cellular_location    ? 
_entity_src_gen.host_org_common_name               ? 
_entity_src_gen.pdbx_host_org_scientific_name      'Escherichia coli' 
_entity_src_gen.pdbx_host_org_ncbi_taxonomy_id     562 
_entity_src_gen.host_org_genus                     ? 
_entity_src_gen.pdbx_host_org_gene                 ? 
_entity_src_gen.pdbx_host_org_organ                ? 
_entity_src_gen.host_org_species                   ? 
_entity_src_gen.pdbx_host_org_tissue               ? 
_entity_src_gen.pdbx_host_org_tissue_fraction      ? 
_entity_src_gen.pdbx_host_org_strain               'BL21(DE3)' 
_entity_src_gen.pdbx_host_org_variant              ? 
_entity_src_gen.pdbx_host_org_cell_line            ? 
_entity_src_gen.pdbx_host_org_atcc                 ? 
_entity_src_gen.pdbx_host_org_culture_collection   ? 
_entity_src_gen.pdbx_host_org_cell                 ? 
_entity_src_gen.pdbx_host_org_organelle            ? 
_entity_src_gen.pdbx_host_org_cellular_location    ? 
_entity_src_gen.pdbx_host_org_vector_type          Plasmid 
_entity_src_gen.pdbx_host_org_vector               ? 
_entity_src_gen.host_org_details                   ? 
_entity_src_gen.expression_system_id               ? 
_entity_src_gen.plasmid_name                       pGEX 
_entity_src_gen.plasmid_details                    ? 
_entity_src_gen.pdbx_description                   ? 
# 
_struct_ref.id                         1 
_struct_ref.db_name                    UNP 
_struct_ref.db_code                    FAF1_HUMAN 
_struct_ref.pdbx_db_accession          Q9UNN5 
_struct_ref.entity_id                  1 
_struct_ref.pdbx_seq_one_letter_code   MDREMILADFQACTGIENIDEAITLLEQNNWDLVAAINGVIPQ 
_struct_ref.pdbx_align_begin           5 
_struct_ref.pdbx_db_isoform            ? 
# 
_struct_ref_seq.align_id                      1 
_struct_ref_seq.ref_id                        1 
_struct_ref_seq.pdbx_PDB_id_code              3E21 
_struct_ref_seq.pdbx_strand_id                A 
_struct_ref_seq.seq_align_beg                 3 
_struct_ref_seq.pdbx_seq_align_beg_ins_code   ? 
_struct_ref_seq.seq_align_end                 45 
_struct_ref_seq.pdbx_seq_align_end_ins_code   ? 
_struct_ref_seq.pdbx_db_accession             Q9UNN5 
_struct_ref_seq.db_align_beg                  5 
_struct_ref_seq.pdbx_db_align_beg_ins_code    ? 
_struct_ref_seq.db_align_end                  47 
_struct_ref_seq.pdbx_db_align_end_ins_code    ? 
_struct_ref_seq.pdbx_auth_seq_align_beg       5 
_struct_ref_seq.pdbx_auth_seq_align_end       47 
# 
loop_
_struct_ref_seq_dif.align_id 
_struct_ref_seq_dif.pdbx_pdb_id_code 
_struct_ref_seq_dif.mon_id 
_struct_ref_seq_dif.pdbx_pdb_strand_id 
_struct_ref_seq_dif.seq_num 
_struct_ref_seq_dif.pdbx_pdb_ins_code 
_struct_ref_seq_dif.pdbx_seq_db_name 
_struct_ref_seq_dif.pdbx_seq_db_accession_code 
_struct_ref_seq_dif.db_mon_id 
_struct_ref_seq_dif.pdbx_seq_db_seq_num 
_struct_ref_seq_dif.details 
_struct_ref_seq_dif.pdbx_auth_seq_num 
_struct_ref_seq_dif.pdbx_ordinal 
1 3E21 GLY A 1 ? UNP Q9UNN5 ? ? 'expression tag' 3 1 
1 3E21 SER A 2 ? UNP Q9UNN5 ? ? 'expression tag' 4 2 
# 
loop_
_chem_comp.id 
_chem_comp.type 
_chem_comp.mon_nstd_flag 
_chem_comp.name 
_chem_comp.pdbx_synonyms 
_chem_comp.formula 
_chem_comp.formula_weight 
ALA 'L-peptide linking' y ALANINE         ? 'C3 H7 N O2'     89.093  
ARG 'L-peptide linking' y ARGININE        ? 'C6 H15 N4 O2 1' 175.209 
ASN 'L-peptide linking' y ASPARAGINE      ? 'C4 H8 N2 O3'    132.118 
ASP 'L-peptide linking' y 'ASPARTIC ACID' ? 'C4 H7 N O4'     133.103 
CYS 'L-peptide linking' y CYSTEINE        ? 'C3 H7 N O2 S'   121.158 
GLN 'L-peptide linking' y GLUTAMINE       ? 'C5 H10 N2 O3'   146.144 
GLU 'L-peptide linking' y 'GLUTAMIC ACID' ? 'C5 H9 N O4'     147.129 
GLY 'peptide linking'   y GLYCINE         ? 'C2 H5 N O2'     75.067  
HOH non-polymer         . WATER           ? 'H2 O'           18.015  
ILE 'L-peptide linking' y ISOLEUCINE      ? 'C6 H13 N O2'    131.173 
LEU 'L-peptide linking' y LEUCINE         ? 'C6 H13 N O2'    131.173 
MET 'L-peptide linking' y METHIONINE      ? 'C5 H11 N O2 S'  149.211 
PHE 'L-peptide linking' y PHENYLALANINE   ? 'C9 H11 N O2'    165.189 
PRO 'L-peptide linking' y PROLINE         ? 'C5 H9 N O2'     115.130 
SER 'L-peptide linking' y SERINE          ? 'C3 H7 N O3'     105.093 
THR 'L-peptide linking' y THREONINE       ? 'C4 H9 N O3'     119.119 
TRP 'L-peptide linking' y TRYPTOPHAN      ? 'C11 H12 N2 O2'  204.225 
VAL 'L-peptide linking' y VALINE          ? 'C5 H11 N O2'    117.146 
# 
_exptl.entry_id          3E21 
_exptl.method            'X-RAY DIFFRACTION' 
_exptl.crystals_number   1 
# 
_exptl_crystal.id                    1 
_exptl_crystal.density_meas          ? 
_exptl_crystal.density_Matthews      2.00 
_exptl_crystal.density_percent_sol   38.65 
_exptl_crystal.description           ? 
_exptl_crystal.F_000                 ? 
_exptl_crystal.preparation           ? 
# 
_exptl_crystal_grow.crystal_id      1 
_exptl_crystal_grow.method          'VAPOR DIFFUSION, HANGING DROP' 
_exptl_crystal_grow.temp            295 
_exptl_crystal_grow.temp_details    ? 
_exptl_crystal_grow.pH              7.5 
_exptl_crystal_grow.pdbx_pH_range   ? 
_exptl_crystal_grow.pdbx_details    '25% PEG 3350, 0.2M ammonium nitrate, pH 7.5, VAPOR DIFFUSION, HANGING DROP, temperature 295K' 
# 
_diffrn.id                     1 
_diffrn.ambient_temp           100 
_diffrn.ambient_temp_details   ? 
_diffrn.crystal_id             1 
# 
_diffrn_detector.diffrn_id              1 
_diffrn_detector.detector               CCD 
_diffrn_detector.type                   'ADSC QUANTUM 210' 
_diffrn_detector.pdbx_collection_date   2007-06-23 
_diffrn_detector.details                mirrors 
# 
_diffrn_radiation.diffrn_id                        1 
_diffrn_radiation.wavelength_id                    1 
_diffrn_radiation.pdbx_monochromatic_or_laue_m_l   M 
_diffrn_radiation.monochromator                    wiggler 
_diffrn_radiation.pdbx_diffrn_protocol             'SINGLE WAVELENGTH' 
_diffrn_radiation.pdbx_scattering_type             x-ray 
# 
_diffrn_radiation_wavelength.id           1 
_diffrn_radiation_wavelength.wavelength   1.0000 
_diffrn_radiation_wavelength.wt           1.0 
# 
_diffrn_source.diffrn_id                   1 
_diffrn_source.source                      SYNCHROTRON 
_diffrn_source.type                        'PAL/PLS BEAMLINE 4A' 
_diffrn_source.pdbx_synchrotron_site       PAL/PLS 
_diffrn_source.pdbx_synchrotron_beamline   4A 
_diffrn_source.pdbx_wavelength             ? 
_diffrn_source.pdbx_wavelength_list        1.0000 
# 
_reflns.entry_id                     3E21 
_reflns.observed_criterion_sigma_I   0 
_reflns.observed_criterion_sigma_F   0 
_reflns.d_resolution_low             19.61 
_reflns.d_resolution_high            1.73 
_reflns.number_obs                   4463 
_reflns.number_all                   ? 
_reflns.percent_possible_obs         98.2 
_reflns.pdbx_Rmerge_I_obs            0.061 
_reflns.pdbx_Rsym_value              ? 
_reflns.pdbx_netI_over_sigmaI        ? 
_reflns.B_iso_Wilson_estimate        23.0 
_reflns.pdbx_redundancy              ? 
_reflns.R_free_details               ? 
_reflns.limit_h_max                  ? 
_reflns.limit_h_min                  ? 
_reflns.limit_k_max                  ? 
_reflns.limit_k_min                  ? 
_reflns.limit_l_max                  ? 
_reflns.limit_l_min                  ? 
_reflns.observed_criterion_F_max     ? 
_reflns.observed_criterion_F_min     ? 
_reflns.pdbx_chi_squared             ? 
_reflns.pdbx_scaling_rejects         ? 
_reflns.pdbx_diffrn_id               1 
_reflns.pdbx_ordinal                 1 
# 
_reflns_shell.d_res_high             1.73 
_reflns_shell.d_res_low              1.79 
_reflns_shell.percent_possible_all   96.8 
_reflns_shell.Rmerge_I_obs           0.155 
_reflns_shell.pdbx_Rsym_value        ? 
_reflns_shell.meanI_over_sigI_obs    6.72 
_reflns_shell.pdbx_redundancy        ? 
_reflns_shell.percent_possible_obs   ? 
_reflns_shell.number_unique_all      ? 
_reflns_shell.number_measured_all    ? 
_reflns_shell.number_measured_obs    ? 
_reflns_shell.number_unique_obs      ? 
_reflns_shell.pdbx_chi_squared       ? 
_reflns_shell.pdbx_diffrn_id         ? 
_reflns_shell.pdbx_ordinal           1 
# 
_refine.entry_id                                 3E21 
_refine.ls_number_reflns_obs                     4359 
_refine.ls_number_reflns_all                     4463 
_refine.pdbx_ls_sigma_I                          ? 
_refine.pdbx_ls_sigma_F                          0.0 
_refine.pdbx_data_cutoff_high_absF               233801.07 
_refine.pdbx_data_cutoff_low_absF                0.000000 
_refine.pdbx_data_cutoff_high_rms_absF           ? 
_refine.ls_d_res_low                             19.61 
_refine.ls_d_res_high                            1.73 
_refine.ls_percent_reflns_obs                    98.2 
_refine.ls_R_factor_obs                          0.218 
_refine.ls_R_factor_all                          ? 
_refine.ls_R_factor_R_work                       0.218 
_refine.ls_R_factor_R_free                       0.222 
_refine.ls_R_factor_R_free_error                 0.014 
_refine.ls_R_factor_R_free_error_details         ? 
_refine.ls_percent_reflns_R_free                 5.4 
_refine.ls_number_reflns_R_free                  235 
_refine.ls_number_parameters                     ? 
_refine.ls_number_restraints                     ? 
_refine.occupancy_min                            ? 
_refine.occupancy_max                            ? 
_refine.correlation_coeff_Fo_to_Fc               ? 
_refine.correlation_coeff_Fo_to_Fc_free          ? 
_refine.B_iso_mean                               26.8 
_refine.aniso_B[1][1]                            -2.15 
_refine.aniso_B[2][2]                            1.35 
_refine.aniso_B[3][3]                            0.80 
_refine.aniso_B[1][2]                            0.00 
_refine.aniso_B[1][3]                            0.00 
_refine.aniso_B[2][3]                            0.00 
_refine.solvent_model_details                    'FLAT MODEL' 
_refine.solvent_model_param_ksol                 0.379249 
_refine.solvent_model_param_bsol                 56.4121 
_refine.pdbx_solvent_vdw_probe_radii             ? 
_refine.pdbx_solvent_ion_probe_radii             ? 
_refine.pdbx_solvent_shrinkage_radii             ? 
_refine.pdbx_ls_cross_valid_method               THROUGHOUT 
_refine.details                                  ? 
_refine.pdbx_starting_model                      'PDB ENTRY 2DAM' 
_refine.pdbx_method_to_determine_struct          'MOLECULAR REPLACEMENT' 
_refine.pdbx_isotropic_thermal_model             RESTRAINED 
_refine.pdbx_stereochemistry_target_values       'Engh & Huber' 
_refine.pdbx_stereochem_target_val_spec_case     ? 
_refine.pdbx_R_Free_selection_details            RANDOM 
_refine.pdbx_overall_ESU_R                       ? 
_refine.pdbx_overall_ESU_R_Free                  ? 
_refine.overall_SU_ML                            ? 
_refine.pdbx_overall_phase_error                 ? 
_refine.overall_SU_B                             ? 
_refine.ls_redundancy_reflns_obs                 ? 
_refine.B_iso_min                                ? 
_refine.B_iso_max                                ? 
_refine.overall_SU_R_Cruickshank_DPI             ? 
_refine.overall_SU_R_free                        ? 
_refine.ls_wR_factor_R_free                      ? 
_refine.ls_wR_factor_R_work                      ? 
_refine.overall_FOM_free_R_set                   ? 
_refine.overall_FOM_work_R_set                   ? 
_refine.pdbx_refine_id                           'X-RAY DIFFRACTION' 
_refine.pdbx_diffrn_id                           1 
_refine.pdbx_TLS_residual_ADP_flag               ? 
_refine.pdbx_overall_SU_R_free_Cruickshank_DPI   ? 
_refine.pdbx_overall_SU_R_Blow_DPI               ? 
_refine.pdbx_overall_SU_R_free_Blow_DPI          ? 
# 
_refine_analyze.entry_id                        3E21 
_refine_analyze.Luzzati_coordinate_error_obs    0.21 
_refine_analyze.Luzzati_sigma_a_obs             0.12 
_refine_analyze.Luzzati_d_res_low_obs           5.00 
_refine_analyze.Luzzati_coordinate_error_free   0.23 
_refine_analyze.Luzzati_sigma_a_free            0.18 
_refine_analyze.Luzzati_d_res_low_free          ? 
_refine_analyze.number_disordered_residues      ? 
_refine_analyze.occupancy_sum_hydrogen          ? 
_refine_analyze.occupancy_sum_non_hydrogen      ? 
_refine_analyze.pdbx_Luzzati_d_res_high_obs     ? 
_refine_analyze.pdbx_refine_id                  'X-RAY DIFFRACTION' 
# 
_refine_hist.pdbx_refine_id                   'X-RAY DIFFRACTION' 
_refine_hist.cycle_id                         LAST 
_refine_hist.pdbx_number_atoms_protein        309 
_refine_hist.pdbx_number_atoms_nucleic_acid   0 
_refine_hist.pdbx_number_atoms_ligand         0 
_refine_hist.number_atoms_solvent             32 
_refine_hist.number_atoms_total               341 
_refine_hist.d_res_high                       1.73 
_refine_hist.d_res_low                        19.61 
# 
loop_
_refine_ls_restr.type 
_refine_ls_restr.dev_ideal 
_refine_ls_restr.dev_ideal_target 
_refine_ls_restr.weight 
_refine_ls_restr.number 
_refine_ls_restr.pdbx_refine_id 
_refine_ls_restr.pdbx_restraint_function 
c_bond_d                0.004 ?    ? ? 'X-RAY DIFFRACTION' ? 
c_bond_d_na             ?     ?    ? ? 'X-RAY DIFFRACTION' ? 
c_bond_d_prot           ?     ?    ? ? 'X-RAY DIFFRACTION' ? 
c_angle_d               ?     ?    ? ? 'X-RAY DIFFRACTION' ? 
c_angle_d_na            ?     ?    ? ? 'X-RAY DIFFRACTION' ? 
c_angle_d_prot          ?     ?    ? ? 'X-RAY DIFFRACTION' ? 
c_angle_deg             1.0   ?    ? ? 'X-RAY DIFFRACTION' ? 
c_angle_deg_na          ?     ?    ? ? 'X-RAY DIFFRACTION' ? 
c_angle_deg_prot        ?     ?    ? ? 'X-RAY DIFFRACTION' ? 
c_dihedral_angle_d      18.0  ?    ? ? 'X-RAY DIFFRACTION' ? 
c_dihedral_angle_d_na   ?     ?    ? ? 'X-RAY DIFFRACTION' ? 
c_dihedral_angle_d_prot ?     ?    ? ? 'X-RAY DIFFRACTION' ? 
c_improper_angle_d      0.66  ?    ? ? 'X-RAY DIFFRACTION' ? 
c_improper_angle_d_na   ?     ?    ? ? 'X-RAY DIFFRACTION' ? 
c_improper_angle_d_prot ?     ?    ? ? 'X-RAY DIFFRACTION' ? 
c_mcbond_it             3.07  1.50 ? ? 'X-RAY DIFFRACTION' ? 
c_mcangle_it            5.15  2.00 ? ? 'X-RAY DIFFRACTION' ? 
c_scbond_it             3.98  2.00 ? ? 'X-RAY DIFFRACTION' ? 
c_scangle_it            6.16  2.50 ? ? 'X-RAY DIFFRACTION' ? 
# 
_refine_ls_shell.pdbx_total_number_of_bins_used   6 
_refine_ls_shell.d_res_high                       1.73 
_refine_ls_shell.d_res_low                        1.84 
_refine_ls_shell.number_reflns_R_work             648 
_refine_ls_shell.R_factor_R_work                  0.235 
_refine_ls_shell.percent_reflns_obs               95.4 
_refine_ls_shell.R_factor_R_free                  0.240 
_refine_ls_shell.R_factor_R_free_error            0.037 
_refine_ls_shell.percent_reflns_R_free            6.2 
_refine_ls_shell.number_reflns_R_free             43 
_refine_ls_shell.number_reflns_all                ? 
_refine_ls_shell.R_factor_all                     ? 
_refine_ls_shell.redundancy_reflns_obs            ? 
_refine_ls_shell.number_reflns_obs                ? 
_refine_ls_shell.pdbx_refine_id                   'X-RAY DIFFRACTION' 
# 
loop_
_pdbx_xplor_file.serial_no 
_pdbx_xplor_file.param_file 
_pdbx_xplor_file.topol_file 
_pdbx_xplor_file.pdbx_refine_id 
1 protein_rep.param protein.top 'X-RAY DIFFRACTION' 
2 water_rep.param   water.top   'X-RAY DIFFRACTION' 
3 ion.param         ion.top     'X-RAY DIFFRACTION' 
# 
_struct.entry_id                  3E21 
_struct.title                     'Crystal structure of FAF-1 UBA Domain' 
_struct.pdbx_model_details        ? 
_struct.pdbx_CASP_flag            ? 
_struct.pdbx_model_type_details   ? 
# 
_struct_keywords.entry_id        3E21 
_struct_keywords.pdbx_keywords   APOPTOSIS 
_struct_keywords.text            'UBA, Alternative splicing, Apoptosis, Nucleus, Phosphoprotein' 
# 
loop_
_struct_asym.id 
_struct_asym.pdbx_blank_PDB_chainid_flag 
_struct_asym.pdbx_modified 
_struct_asym.entity_id 
_struct_asym.details 
A N N 1 ? 
B N N 2 ? 
# 
_struct_biol.id        1 
_struct_biol.details   ? 
# 
loop_
_struct_conf.conf_type_id 
_struct_conf.id 
_struct_conf.pdbx_PDB_helix_id 
_struct_conf.beg_label_comp_id 
_struct_conf.beg_label_asym_id 
_struct_conf.beg_label_seq_id 
_struct_conf.pdbx_beg_PDB_ins_code 
_struct_conf.end_label_comp_id 
_struct_conf.end_label_asym_id 
_struct_conf.end_label_seq_id 
_struct_conf.pdbx_end_PDB_ins_code 
_struct_conf.beg_auth_comp_id 
_struct_conf.beg_auth_asym_id 
_struct_conf.beg_auth_seq_id 
_struct_conf.end_auth_comp_id 
_struct_conf.end_auth_asym_id 
_struct_conf.end_auth_seq_id 
_struct_conf.pdbx_PDB_helix_class 
_struct_conf.details 
_struct_conf.pdbx_PDB_helix_length 
HELX_P HELX_P1 1 ASP A 4  ? GLY A 17 ? ASP A 6  GLY A 19 1 ? 14 
HELX_P HELX_P2 2 ASN A 20 ? ASN A 31 ? ASN A 22 ASN A 33 1 ? 12 
HELX_P HELX_P3 3 ASP A 34 ? ASN A 40 ? ASP A 36 ASN A 42 1 ? 7  
# 
_struct_conf_type.id          HELX_P 
_struct_conf_type.criteria    ? 
_struct_conf_type.reference   ? 
# 
_atom_sites.entry_id                    3E21 
_atom_sites.fract_transf_matrix[1][1]   -0.00950337 
_atom_sites.fract_transf_matrix[1][2]   -0.03004277 
_atom_sites.fract_transf_matrix[1][3]   0.00373827 
_atom_sites.fract_transf_matrix[2][1]   0.00827863 
_atom_sites.fract_transf_matrix[2][2]   -0.00596604 
_atom_sites.fract_transf_matrix[2][3]   -0.02690058 
_atom_sites.fract_transf_matrix[3][1]   0.02517885 
_atom_sites.fract_transf_matrix[3][2]   -0.00681258 
_atom_sites.fract_transf_matrix[3][3]   0.00925967 
_atom_sites.fract_transf_vector[1]      -0.055160 
_atom_sites.fract_transf_vector[2]      0.288732 
_atom_sites.fract_transf_vector[3]      0.402259 
# 
loop_
_atom_type.symbol 
C 
N 
O 
S 
# 
loop_
_atom_site.group_PDB 
_atom_site.id 
_atom_site.type_symbol 
_atom_site.label_atom_id 
_atom_site.label_alt_id 
_atom_site.label_comp_id 
_atom_site.label_asym_id 
_atom_site.label_entity_id 
_atom_site.label_seq_id 
_atom_site.pdbx_PDB_ins_code 
_atom_site.Cartn_x 
_atom_site.Cartn_y 
_atom_site.Cartn_z 
_atom_site.occupancy 
_atom_site.B_iso_or_equiv 
_atom_site.pdbx_formal_charge 
_atom_site.auth_seq_id 
_atom_site.auth_comp_id 
_atom_site.auth_asym_id 
_atom_site.auth_atom_id 
_atom_site.pdbx_PDB_model_num 
ATOM   1   N N   . MET A 1 3  ? 9.884   -7.009  -6.458  1.00 64.31 ? 5  MET A N   1 
ATOM   2   C CA  . MET A 1 3  ? 9.152   -5.820  -5.933  1.00 63.25 ? 5  MET A CA  1 
ATOM   3   C C   . MET A 1 3  ? 9.342   -5.646  -4.434  1.00 60.46 ? 5  MET A C   1 
ATOM   4   O O   . MET A 1 3  ? 9.326   -4.524  -3.926  1.00 62.48 ? 5  MET A O   1 
ATOM   5   C CB  . MET A 1 3  ? 7.650   -5.948  -6.196  1.00 57.12 ? 5  MET A CB  1 
ATOM   6   C CG  . MET A 1 3  ? 7.232   -5.980  -7.648  1.00 60.10 ? 5  MET A CG  1 
ATOM   7   S SD  . MET A 1 3  ? 5.431   -5.942  -7.768  1.00 63.67 ? 5  MET A SD  1 
ATOM   8   C CE  . MET A 1 3  ? 5.041   -7.665  -7.489  1.00 62.44 ? 5  MET A CE  1 
ATOM   9   N N   . ASP A 1 4  ? 9.524   -6.759  -3.729  1.00 34.25 ? 6  ASP A N   1 
ATOM   10  C CA  . ASP A 1 4  ? 9.663   -6.725  -2.276  1.00 28.41 ? 6  ASP A CA  1 
ATOM   11  C C   . ASP A 1 4  ? 8.374   -6.091  -1.773  1.00 25.02 ? 6  ASP A C   1 
ATOM   12  O O   . ASP A 1 4  ? 8.328   -4.908  -1.423  1.00 21.91 ? 6  ASP A O   1 
ATOM   13  C CB  . ASP A 1 4  ? 10.869  -5.885  -1.848  1.00 33.35 ? 6  ASP A CB  1 
ATOM   14  C CG  . ASP A 1 4  ? 11.090  -5.911  -0.342  1.00 33.54 ? 6  ASP A CG  1 
ATOM   15  O OD1 . ASP A 1 4  ? 12.143  -5.419  0.113   1.00 34.83 ? 6  ASP A OD1 1 
ATOM   16  O OD2 . ASP A 1 4  ? 10.211  -6.415  0.391   1.00 31.15 ? 6  ASP A OD2 1 
ATOM   17  N N   . ARG A 1 5  ? 7.317   -6.892  -1.770  1.00 23.13 ? 7  ARG A N   1 
ATOM   18  C CA  . ARG A 1 5  ? 6.018   -6.418  -1.343  1.00 19.62 ? 7  ARG A CA  1 
ATOM   19  C C   . ARG A 1 5  ? 5.966   -6.102  0.142   1.00 18.10 ? 7  ARG A C   1 
ATOM   20  O O   . ARG A 1 5  ? 5.144   -5.296  0.571   1.00 17.33 ? 7  ARG A O   1 
ATOM   21  C CB  . ARG A 1 5  ? 4.946   -7.434  -1.737  1.00 15.90 ? 7  ARG A CB  1 
ATOM   22  C CG  . ARG A 1 5  ? 4.756   -7.528  -3.239  1.00 18.82 ? 7  ARG A CG  1 
ATOM   23  C CD  . ARG A 1 5  ? 3.688   -8.530  -3.601  1.00 21.26 ? 7  ARG A CD  1 
ATOM   24  N NE  . ARG A 1 5  ? 3.417   -8.526  -5.037  1.00 21.97 ? 7  ARG A NE  1 
ATOM   25  C CZ  . ARG A 1 5  ? 2.535   -9.318  -5.632  1.00 23.37 ? 7  ARG A CZ  1 
ATOM   26  N NH1 . ARG A 1 5  ? 1.832   -10.185 -4.918  1.00 24.82 ? 7  ARG A NH1 1 
ATOM   27  N NH2 . ARG A 1 5  ? 2.356   -9.242  -6.944  1.00 26.56 ? 7  ARG A NH2 1 
ATOM   28  N N   . GLU A 1 6  ? 6.852   -6.705  0.929   1.00 15.70 ? 8  GLU A N   1 
ATOM   29  C CA  . GLU A 1 6  ? 6.861   -6.423  2.360   1.00 17.83 ? 8  GLU A CA  1 
ATOM   30  C C   . GLU A 1 6  ? 7.228   -4.958  2.569   1.00 17.13 ? 8  GLU A C   1 
ATOM   31  O O   . GLU A 1 6  ? 6.595   -4.256  3.356   1.00 16.46 ? 8  GLU A O   1 
ATOM   32  C CB  . GLU A 1 6  ? 7.858   -7.327  3.095   1.00 22.81 ? 8  GLU A CB  1 
ATOM   33  C CG  . GLU A 1 6  ? 7.449   -8.796  3.107   1.00 26.68 ? 8  GLU A CG  1 
ATOM   34  C CD  . GLU A 1 6  ? 8.079   -9.604  1.986   1.00 30.76 ? 8  GLU A CD  1 
ATOM   35  O OE1 . GLU A 1 6  ? 8.373   -9.031  0.915   1.00 32.85 ? 8  GLU A OE1 1 
ATOM   36  O OE2 . GLU A 1 6  ? 8.268   -10.825 2.176   1.00 31.94 ? 8  GLU A OE2 1 
ATOM   37  N N   . MET A 1 7  ? 8.250   -4.499  1.854   1.00 19.86 ? 9  MET A N   1 
ATOM   38  C CA  . MET A 1 7  ? 8.690   -3.113  1.952   1.00 19.40 ? 9  MET A CA  1 
ATOM   39  C C   . MET A 1 7  ? 7.603   -2.171  1.429   1.00 18.91 ? 9  MET A C   1 
ATOM   40  O O   . MET A 1 7  ? 7.333   -1.124  2.021   1.00 19.16 ? 9  MET A O   1 
ATOM   41  C CB  . MET A 1 7  ? 9.970   -2.901  1.142   1.00 24.27 ? 9  MET A CB  1 
ATOM   42  C CG  . MET A 1 7  ? 10.372  -1.439  1.018   1.00 26.35 ? 9  MET A CG  1 
ATOM   43  S SD  . MET A 1 7  ? 11.692  -1.174  -0.192  1.00 33.01 ? 9  MET A SD  1 
ATOM   44  C CE  . MET A 1 7  ? 10.799  -1.352  -1.714  1.00 28.87 ? 9  MET A CE  1 
ATOM   45  N N   . ILE A 1 8  ? 6.992   -2.549  0.313   1.00 15.10 ? 10 ILE A N   1 
ATOM   46  C CA  . ILE A 1 8  ? 5.938   -1.752  -0.300  1.00 14.95 ? 10 ILE A CA  1 
ATOM   47  C C   . ILE A 1 8  ? 4.783   -1.590  0.684   1.00 15.35 ? 10 ILE A C   1 
ATOM   48  O O   . ILE A 1 8  ? 4.244   -0.496  0.858   1.00 14.57 ? 10 ILE A O   1 
ATOM   49  C CB  . ILE A 1 8  ? 5.446   -2.414  -1.604  1.00 15.76 ? 10 ILE A CB  1 
ATOM   50  C CG1 . ILE A 1 8  ? 6.551   -2.329  -2.669  1.00 17.60 ? 10 ILE A CG1 1 
ATOM   51  C CG2 . ILE A 1 8  ? 4.170   -1.748  -2.088  1.00 15.70 ? 10 ILE A CG2 1 
ATOM   52  C CD1 . ILE A 1 8  ? 6.255   -3.093  -3.939  1.00 19.99 ? 10 ILE A CD1 1 
ATOM   53  N N   . LEU A 1 9  ? 4.416   -2.680  1.344   1.00 13.04 ? 11 LEU A N   1 
ATOM   54  C CA  . LEU A 1 9  ? 3.327   -2.631  2.314   1.00 12.92 ? 11 LEU A CA  1 
ATOM   55  C C   . LEU A 1 9  ? 3.700   -1.731  3.488   1.00 15.68 ? 11 LEU A C   1 
ATOM   56  O O   . LEU A 1 9  ? 2.905   -0.892  3.925   1.00 13.59 ? 11 LEU A O   1 
ATOM   57  C CB  . LEU A 1 9  ? 3.010   -4.046  2.801   1.00 15.57 ? 11 LEU A CB  1 
ATOM   58  C CG  . LEU A 1 9  ? 2.018   -4.202  3.951   1.00 15.68 ? 11 LEU A CG  1 
ATOM   59  C CD1 . LEU A 1 9  ? 0.694   -3.542  3.596   1.00 15.75 ? 11 LEU A CD1 1 
ATOM   60  C CD2 . LEU A 1 9  ? 1.821   -5.689  4.242   1.00 16.76 ? 11 LEU A CD2 1 
ATOM   61  N N   . ALA A 1 10 ? 4.917   -1.896  3.991   1.00 14.64 ? 12 ALA A N   1 
ATOM   62  C CA  . ALA A 1 10 ? 5.390   -1.095  5.113   1.00 17.51 ? 12 ALA A CA  1 
ATOM   63  C C   . ALA A 1 10 ? 5.334   0.385   4.751   1.00 17.77 ? 12 ALA A C   1 
ATOM   64  O O   . ALA A 1 10 ? 4.840   1.203   5.528   1.00 17.81 ? 12 ALA A O   1 
ATOM   65  C CB  . ALA A 1 10 ? 6.814   -1.492  5.478   1.00 20.30 ? 12 ALA A CB  1 
ATOM   66  N N   . ASP A 1 11 ? 5.841   0.718   3.566   1.00 17.04 ? 13 ASP A N   1 
ATOM   67  C CA  . ASP A 1 11 ? 5.845   2.100   3.097   1.00 16.79 ? 13 ASP A CA  1 
ATOM   68  C C   . ASP A 1 11 ? 4.429   2.670   3.001   1.00 15.00 ? 13 ASP A C   1 
ATOM   69  O O   . ASP A 1 11 ? 4.157   3.777   3.471   1.00 17.25 ? 13 ASP A O   1 
ATOM   70  C CB  . ASP A 1 11 ? 6.506   2.205   1.719   1.00 18.88 ? 13 ASP A CB  1 
ATOM   71  C CG  . ASP A 1 11 ? 7.997   1.919   1.755   1.00 21.78 ? 13 ASP A CG  1 
ATOM   72  O OD1 . ASP A 1 11 ? 8.616   2.057   2.830   1.00 22.32 ? 13 ASP A OD1 1 
ATOM   73  O OD2 . ASP A 1 11 ? 8.551   1.576   0.690   1.00 24.09 ? 13 ASP A OD2 1 
ATOM   74  N N   . PHE A 1 12 ? 3.533   1.911   2.383   1.00 13.61 ? 14 PHE A N   1 
ATOM   75  C CA  . PHE A 1 12 ? 2.155   2.347   2.213   1.00 13.27 ? 14 PHE A CA  1 
ATOM   76  C C   . PHE A 1 12 ? 1.487   2.632   3.552   1.00 13.80 ? 14 PHE A C   1 
ATOM   77  O O   . PHE A 1 12 ? 0.817   3.650   3.712   1.00 14.23 ? 14 PHE A O   1 
ATOM   78  C CB  . PHE A 1 12 ? 1.366   1.283   1.438   1.00 14.81 ? 14 PHE A CB  1 
ATOM   79  C CG  . PHE A 1 12 ? -0.075  1.628   1.232   1.00 15.28 ? 14 PHE A CG  1 
ATOM   80  C CD1 . PHE A 1 12 ? -1.050  1.145   2.099   1.00 16.19 ? 14 PHE A CD1 1 
ATOM   81  C CD2 . PHE A 1 12 ? -0.464  2.447   0.177   1.00 15.38 ? 14 PHE A CD2 1 
ATOM   82  C CE1 . PHE A 1 12 ? -2.398  1.471   1.918   1.00 18.49 ? 14 PHE A CE1 1 
ATOM   83  C CE2 . PHE A 1 12 ? -1.805  2.779   -0.012  1.00 17.07 ? 14 PHE A CE2 1 
ATOM   84  C CZ  . PHE A 1 12 ? -2.775  2.288   0.862   1.00 16.24 ? 14 PHE A CZ  1 
ATOM   85  N N   . GLN A 1 13 ? 1.657   1.732   4.514   1.00 16.05 ? 15 GLN A N   1 
ATOM   86  C CA  . GLN A 1 13 ? 1.040   1.935   5.821   1.00 16.45 ? 15 GLN A CA  1 
ATOM   87  C C   . GLN A 1 13 ? 1.627   3.137   6.555   1.00 18.73 ? 15 GLN A C   1 
ATOM   88  O O   . GLN A 1 13 ? 0.901   3.900   7.197   1.00 19.94 ? 15 GLN A O   1 
ATOM   89  C CB  . GLN A 1 13 ? 1.173   0.665   6.662   1.00 15.14 ? 15 GLN A CB  1 
ATOM   90  C CG  . GLN A 1 13 ? 0.393   -0.494  6.073   1.00 17.07 ? 15 GLN A CG  1 
ATOM   91  C CD  . GLN A 1 13 ? 0.222   -1.646  7.036   1.00 19.88 ? 15 GLN A CD  1 
ATOM   92  O OE1 . GLN A 1 13 ? 1.166   -2.379  7.325   1.00 20.37 ? 15 GLN A OE1 1 
ATOM   93  N NE2 . GLN A 1 13 ? -0.995  -1.809  7.548   1.00 20.14 ? 15 GLN A NE2 1 
ATOM   94  N N   . ALA A 1 14 ? 2.937   3.318   6.437   1.00 16.95 ? 16 ALA A N   1 
ATOM   95  C CA  . ALA A 1 14 ? 3.618   4.426   7.102   1.00 19.04 ? 16 ALA A CA  1 
ATOM   96  C C   . ALA A 1 14 ? 3.136   5.786   6.604   1.00 19.99 ? 16 ALA A C   1 
ATOM   97  O O   . ALA A 1 14 ? 2.977   6.726   7.389   1.00 20.77 ? 16 ALA A O   1 
ATOM   98  C CB  . ALA A 1 14 ? 5.123   4.299   6.893   1.00 21.34 ? 16 ALA A CB  1 
ATOM   99  N N   . CYS A 1 15 ? 2.888   5.887   5.306   1.00 20.94 ? 17 CYS A N   1 
ATOM   100 C CA  . CYS A 1 15 ? 2.464   7.148   4.705   1.00 23.13 ? 17 CYS A CA  1 
ATOM   101 C C   . CYS A 1 15 ? 0.964   7.434   4.659   1.00 22.99 ? 17 CYS A C   1 
ATOM   102 O O   . CYS A 1 15 ? 0.555   8.592   4.581   1.00 23.75 ? 17 CYS A O   1 
ATOM   103 C CB  . CYS A 1 15 ? 3.030   7.248   3.287   1.00 43.99 ? 17 CYS A CB  1 
ATOM   104 S SG  . CYS A 1 15 ? 2.608   8.778   2.437   1.00 53.68 ? 17 CYS A SG  1 
ATOM   105 N N   . THR A 1 16 ? 0.141   6.395   4.713   1.00 20.65 ? 18 THR A N   1 
ATOM   106 C CA  . THR A 1 16 ? -1.302  6.583   4.632   1.00 19.77 ? 18 THR A CA  1 
ATOM   107 C C   . THR A 1 16 ? -2.023  6.488   5.972   1.00 20.79 ? 18 THR A C   1 
ATOM   108 O O   . THR A 1 16 ? -3.132  6.991   6.124   1.00 21.76 ? 18 THR A O   1 
ATOM   109 C CB  . THR A 1 16 ? -1.932  5.546   3.697   1.00 18.63 ? 18 THR A CB  1 
ATOM   110 O OG1 . THR A 1 16 ? -1.779  4.242   4.270   1.00 18.81 ? 18 THR A OG1 1 
ATOM   111 C CG2 . THR A 1 16 ? -1.248  5.577   2.341   1.00 20.43 ? 18 THR A CG2 1 
ATOM   112 N N   . GLY A 1 17 ? -1.396  5.838   6.941   1.00 19.12 ? 19 GLY A N   1 
ATOM   113 C CA  . GLY A 1 17 ? -2.031  5.693   8.234   1.00 19.73 ? 19 GLY A CA  1 
ATOM   114 C C   . GLY A 1 17 ? -3.027  4.548   8.253   1.00 19.82 ? 19 GLY A C   1 
ATOM   115 O O   . GLY A 1 17 ? -3.755  4.371   9.229   1.00 21.00 ? 19 GLY A O   1 
ATOM   116 N N   . ILE A 1 18 ? -3.080  3.774   7.172   1.00 18.34 ? 20 ILE A N   1 
ATOM   117 C CA  . ILE A 1 18 ? -3.983  2.628   7.113   1.00 15.42 ? 20 ILE A CA  1 
ATOM   118 C C   . ILE A 1 18 ? -3.259  1.445   7.747   1.00 18.96 ? 20 ILE A C   1 
ATOM   119 O O   . ILE A 1 18 ? -2.486  0.747   7.091   1.00 19.78 ? 20 ILE A O   1 
ATOM   120 C CB  . ILE A 1 18 ? -4.390  2.322   5.655   1.00 15.37 ? 20 ILE A CB  1 
ATOM   121 C CG1 . ILE A 1 18 ? -5.211  3.497   5.115   1.00 14.02 ? 20 ILE A CG1 1 
ATOM   122 C CG2 . ILE A 1 18 ? -5.182  1.007   5.585   1.00 14.63 ? 20 ILE A CG2 1 
ATOM   123 C CD1 . ILE A 1 18 ? -5.466  3.467   3.619   1.00 15.63 ? 20 ILE A CD1 1 
ATOM   124 N N   . GLU A 1 19 ? -3.518  1.233   9.034   1.00 19.57 ? 21 GLU A N   1 
ATOM   125 C CA  . GLU A 1 19 ? -2.874  0.167   9.798   1.00 22.94 ? 21 GLU A CA  1 
ATOM   126 C C   . GLU A 1 19 ? -3.449  -1.232  9.595   1.00 20.93 ? 21 GLU A C   1 
ATOM   127 O O   . GLU A 1 19 ? -2.801  -2.225  9.932   1.00 22.47 ? 21 GLU A O   1 
ATOM   128 C CB  . GLU A 1 19 ? -2.885  0.520   11.284  1.00 45.37 ? 21 GLU A CB  1 
ATOM   129 C CG  . GLU A 1 19 ? -2.263  1.874   11.587  1.00 51.97 ? 21 GLU A CG  1 
ATOM   130 C CD  . GLU A 1 19 ? -0.830  1.989   11.098  1.00 55.75 ? 21 GLU A CD  1 
ATOM   131 O OE1 . GLU A 1 19 ? -0.319  3.127   11.030  1.00 59.83 ? 21 GLU A OE1 1 
ATOM   132 O OE2 . GLU A 1 19 ? -0.209  0.950   10.788  1.00 58.07 ? 21 GLU A OE2 1 
ATOM   133 N N   . ASN A 1 20 ? -4.655  -1.322  9.052   1.00 17.24 ? 22 ASN A N   1 
ATOM   134 C CA  . ASN A 1 20 ? -5.255  -2.631  8.805   1.00 16.88 ? 22 ASN A CA  1 
ATOM   135 C C   . ASN A 1 20 ? -4.546  -3.268  7.611   1.00 17.25 ? 22 ASN A C   1 
ATOM   136 O O   . ASN A 1 20 ? -4.647  -2.773  6.484   1.00 16.42 ? 22 ASN A O   1 
ATOM   137 C CB  . ASN A 1 20 ? -6.749  -2.495  8.493   1.00 18.63 ? 22 ASN A CB  1 
ATOM   138 C CG  . ASN A 1 20 ? -7.447  -3.832  8.425   1.00 22.12 ? 22 ASN A CG  1 
ATOM   139 O OD1 . ASN A 1 20 ? -8.121  -4.248  9.374   1.00 24.61 ? 22 ASN A OD1 1 
ATOM   140 N ND2 . ASN A 1 20 ? -7.282  -4.528  7.306   1.00 16.97 ? 22 ASN A ND2 1 
ATOM   141 N N   . ILE A 1 21 ? -3.843  -4.372  7.849   1.00 18.55 ? 23 ILE A N   1 
ATOM   142 C CA  . ILE A 1 21 ? -3.109  -5.038  6.775   1.00 18.38 ? 23 ILE A CA  1 
ATOM   143 C C   . ILE A 1 21 ? -3.961  -5.523  5.608   1.00 18.50 ? 23 ILE A C   1 
ATOM   144 O O   . ILE A 1 21 ? -3.577  -5.342  4.456   1.00 16.77 ? 23 ILE A O   1 
ATOM   145 C CB  . ILE A 1 21 ? -2.291  -6.235  7.302   1.00 25.00 ? 23 ILE A CB  1 
ATOM   146 C CG1 . ILE A 1 21 ? -1.176  -5.734  8.220   1.00 26.98 ? 23 ILE A CG1 1 
ATOM   147 C CG2 . ILE A 1 21 ? -1.686  -7.006  6.131   1.00 26.39 ? 23 ILE A CG2 1 
ATOM   148 C CD1 . ILE A 1 21 ? -0.314  -6.837  8.794   1.00 29.99 ? 23 ILE A CD1 1 
ATOM   149 N N   . ASP A 1 22 ? -5.106  -6.148  5.879   1.00 17.68 ? 24 ASP A N   1 
ATOM   150 C CA  . ASP A 1 22 ? -5.932  -6.625  4.778   1.00 17.55 ? 24 ASP A CA  1 
ATOM   151 C C   . ASP A 1 22 ? -6.381  -5.468  3.897   1.00 17.25 ? 24 ASP A C   1 
ATOM   152 O O   . ASP A 1 22 ? -6.361  -5.562  2.666   1.00 17.70 ? 24 ASP A O   1 
ATOM   153 C CB  . ASP A 1 22 ? -7.157  -7.389  5.290   1.00 20.54 ? 24 ASP A CB  1 
ATOM   154 C CG  . ASP A 1 22 ? -7.996  -7.945  4.161   1.00 23.12 ? 24 ASP A CG  1 
ATOM   155 O OD1 . ASP A 1 22 ? -9.096  -7.405  3.904   1.00 23.58 ? 24 ASP A OD1 1 
ATOM   156 O OD2 . ASP A 1 22 ? -7.544  -8.914  3.513   1.00 25.27 ? 24 ASP A OD2 1 
ATOM   157 N N   . GLU A 1 23 ? -6.783  -4.371  4.522   1.00 16.58 ? 25 GLU A N   1 
ATOM   158 C CA  . GLU A 1 23 ? -7.216  -3.216  3.757   1.00 17.63 ? 25 GLU A CA  1 
ATOM   159 C C   . GLU A 1 23 ? -6.054  -2.665  2.938   1.00 16.14 ? 25 GLU A C   1 
ATOM   160 O O   . GLU A 1 23 ? -6.229  -2.315  1.772   1.00 18.23 ? 25 GLU A O   1 
ATOM   161 C CB  . GLU A 1 23 ? -7.764  -2.125  4.683   1.00 20.95 ? 25 GLU A CB  1 
ATOM   162 C CG  . GLU A 1 23 ? -9.115  -2.462  5.289   1.00 25.17 ? 25 GLU A CG  1 
ATOM   163 C CD  . GLU A 1 23 ? -10.168 -2.747  4.239   1.00 27.29 ? 25 GLU A CD  1 
ATOM   164 O OE1 . GLU A 1 23 ? -10.322 -1.929  3.306   1.00 30.71 ? 25 GLU A OE1 1 
ATOM   165 O OE2 . GLU A 1 23 ? -10.846 -3.788  4.348   1.00 30.37 ? 25 GLU A OE2 1 
ATOM   166 N N   . ALA A 1 24 ? -4.872  -2.587  3.545   1.00 16.21 ? 26 ALA A N   1 
ATOM   167 C CA  . ALA A 1 24 ? -3.698  -2.058  2.839   1.00 14.24 ? 26 ALA A CA  1 
ATOM   168 C C   . ALA A 1 24 ? -3.336  -2.928  1.637   1.00 15.02 ? 26 ALA A C   1 
ATOM   169 O O   . ALA A 1 24 ? -3.045  -2.419  0.551   1.00 15.27 ? 26 ALA A O   1 
ATOM   170 C CB  . ALA A 1 24 ? -2.510  -1.939  3.792   1.00 14.97 ? 26 ALA A CB  1 
ATOM   171 N N   . ILE A 1 25 ? -3.376  -4.243  1.817   1.00 16.28 ? 27 ILE A N   1 
ATOM   172 C CA  . ILE A 1 25 ? -3.059  -5.149  0.719   1.00 17.52 ? 27 ILE A CA  1 
ATOM   173 C C   . ILE A 1 25 ? -4.093  -5.057  -0.404  1.00 18.20 ? 27 ILE A C   1 
ATOM   174 O O   . ILE A 1 25 ? -3.748  -5.103  -1.583  1.00 18.80 ? 27 ILE A O   1 
ATOM   175 C CB  . ILE A 1 25 ? -2.951  -6.604  1.215   1.00 21.22 ? 27 ILE A CB  1 
ATOM   176 C CG1 . ILE A 1 25 ? -1.703  -6.750  2.089   1.00 21.97 ? 27 ILE A CG1 1 
ATOM   177 C CG2 . ILE A 1 25 ? -2.912  -7.565  0.022   1.00 21.02 ? 27 ILE A CG2 1 
ATOM   178 C CD1 . ILE A 1 25 ? -1.457  -8.171  2.596   1.00 21.59 ? 27 ILE A CD1 1 
ATOM   179 N N   . THR A 1 26 ? -5.362  -4.919  -0.041  1.00 19.82 ? 28 THR A N   1 
ATOM   180 C CA  . THR A 1 26 ? -6.406  -4.803  -1.049  1.00 19.25 ? 28 THR A CA  1 
ATOM   181 C C   . THR A 1 26 ? -6.163  -3.558  -1.902  1.00 18.99 ? 28 THR A C   1 
ATOM   182 O O   . THR A 1 26 ? -6.252  -3.602  -3.131  1.00 18.42 ? 28 THR A O   1 
ATOM   183 C CB  . THR A 1 26 ? -7.790  -4.715  -0.385  1.00 23.07 ? 28 THR A CB  1 
ATOM   184 O OG1 . THR A 1 26 ? -8.075  -5.956  0.273   1.00 23.70 ? 28 THR A OG1 1 
ATOM   185 C CG2 . THR A 1 26 ? -8.866  -4.427  -1.416  1.00 23.29 ? 28 THR A CG2 1 
ATOM   186 N N   . LEU A 1 27 ? -5.845  -2.444  -1.249  1.00 15.43 ? 29 LEU A N   1 
ATOM   187 C CA  . LEU A 1 27 ? -5.587  -1.199  -1.966  1.00 15.56 ? 29 LEU A CA  1 
ATOM   188 C C   . LEU A 1 27 ? -4.353  -1.318  -2.854  1.00 16.28 ? 29 LEU A C   1 
ATOM   189 O O   . LEU A 1 27 ? -4.335  -0.822  -3.981  1.00 17.14 ? 29 LEU A O   1 
ATOM   190 C CB  . LEU A 1 27 ? -5.421  -0.041  -0.973  1.00 19.77 ? 29 LEU A CB  1 
ATOM   191 C CG  . LEU A 1 27 ? -6.714  0.391   -0.264  1.00 20.27 ? 29 LEU A CG  1 
ATOM   192 C CD1 . LEU A 1 27 ? -6.403  1.393   0.839   1.00 20.40 ? 29 LEU A CD1 1 
ATOM   193 C CD2 . LEU A 1 27 ? -7.673  1.005   -1.283  1.00 21.48 ? 29 LEU A CD2 1 
ATOM   194 N N   . LEU A 1 28 ? -3.316  -1.977  -2.350  1.00 16.34 ? 30 LEU A N   1 
ATOM   195 C CA  . LEU A 1 28 ? -2.102  -2.151  -3.133  1.00 15.64 ? 30 LEU A CA  1 
ATOM   196 C C   . LEU A 1 28 ? -2.362  -3.033  -4.353  1.00 18.60 ? 30 LEU A C   1 
ATOM   197 O O   . LEU A 1 28 ? -1.835  -2.765  -5.432  1.00 19.70 ? 30 LEU A O   1 
ATOM   198 C CB  . LEU A 1 28 ? -0.998  -2.745  -2.257  1.00 15.36 ? 30 LEU A CB  1 
ATOM   199 C CG  . LEU A 1 28 ? -0.325  -1.694  -1.371  1.00 12.43 ? 30 LEU A CG  1 
ATOM   200 C CD1 . LEU A 1 28 ? 0.506   -2.375  -0.285  1.00 15.37 ? 30 LEU A CD1 1 
ATOM   201 C CD2 . LEU A 1 28 ? 0.542   -0.793  -2.237  1.00 17.22 ? 30 LEU A CD2 1 
ATOM   202 N N   . GLU A 1 29 ? -3.172  -4.074  -4.185  1.00 18.73 ? 31 GLU A N   1 
ATOM   203 C CA  . GLU A 1 29 ? -3.503  -4.968  -5.292  1.00 21.30 ? 31 GLU A CA  1 
ATOM   204 C C   . GLU A 1 29 ? -4.289  -4.229  -6.375  1.00 21.74 ? 31 GLU A C   1 
ATOM   205 O O   . GLU A 1 29 ? -4.105  -4.482  -7.568  1.00 23.18 ? 31 GLU A O   1 
ATOM   206 C CB  . GLU A 1 29 ? -4.310  -6.170  -4.785  1.00 23.04 ? 31 GLU A CB  1 
ATOM   207 C CG  . GLU A 1 29 ? -3.495  -7.140  -3.936  1.00 25.76 ? 31 GLU A CG  1 
ATOM   208 C CD  . GLU A 1 29 ? -4.342  -8.210  -3.272  1.00 28.63 ? 31 GLU A CD  1 
ATOM   209 O OE1 . GLU A 1 29 ? -3.766  -9.112  -2.626  1.00 29.18 ? 31 GLU A OE1 1 
ATOM   210 O OE2 . GLU A 1 29 ? -5.582  -8.150  -3.386  1.00 32.64 ? 31 GLU A OE2 1 
ATOM   211 N N   . GLN A 1 30 ? -5.159  -3.313  -5.958  1.00 20.52 ? 32 GLN A N   1 
ATOM   212 C CA  . GLN A 1 30 ? -5.966  -2.537  -6.896  1.00 22.01 ? 32 GLN A CA  1 
ATOM   213 C C   . GLN A 1 30 ? -5.104  -1.556  -7.684  1.00 21.48 ? 32 GLN A C   1 
ATOM   214 O O   . GLN A 1 30 ? -5.531  -1.027  -8.718  1.00 21.64 ? 32 GLN A O   1 
ATOM   215 C CB  . GLN A 1 30 ? -7.066  -1.780  -6.146  1.00 26.02 ? 32 GLN A CB  1 
ATOM   216 C CG  . GLN A 1 30 ? -8.130  -2.688  -5.547  1.00 28.62 ? 32 GLN A CG  1 
ATOM   217 C CD  . GLN A 1 30 ? -9.143  -1.941  -4.693  1.00 31.12 ? 32 GLN A CD  1 
ATOM   218 O OE1 . GLN A 1 30 ? -10.178 -2.494  -4.318  1.00 34.89 ? 32 GLN A OE1 1 
ATOM   219 N NE2 . GLN A 1 30 ? -8.846  -0.687  -4.372  1.00 28.83 ? 32 GLN A NE2 1 
ATOM   220 N N   . ASN A 1 31 ? -3.893  -1.310  -7.189  1.00 19.55 ? 33 ASN A N   1 
ATOM   221 C CA  . ASN A 1 31 ? -2.971  -0.404  -7.858  1.00 20.81 ? 33 ASN A CA  1 
ATOM   222 C C   . ASN A 1 31 ? -1.781  -1.162  -8.435  1.00 20.59 ? 33 ASN A C   1 
ATOM   223 O O   . ASN A 1 31 ? -0.731  -0.575  -8.711  1.00 21.99 ? 33 ASN A O   1 
ATOM   224 C CB  . ASN A 1 31 ? -2.483  0.678   -6.896  1.00 22.97 ? 33 ASN A CB  1 
ATOM   225 C CG  . ASN A 1 31 ? -3.565  1.673   -6.549  1.00 23.99 ? 33 ASN A CG  1 
ATOM   226 O OD1 . ASN A 1 31 ? -4.334  1.475   -5.608  1.00 24.36 ? 33 ASN A OD1 1 
ATOM   227 N ND2 . ASN A 1 31 ? -3.647  2.746   -7.329  1.00 22.12 ? 33 ASN A ND2 1 
ATOM   228 N N   . ASN A 1 32 ? -1.956  -2.468  -8.606  1.00 20.54 ? 34 ASN A N   1 
ATOM   229 C CA  . ASN A 1 32 ? -0.917  -3.333  -9.165  1.00 23.03 ? 34 ASN A CA  1 
ATOM   230 C C   . ASN A 1 32 ? 0.387   -3.189  -8.391  1.00 23.83 ? 34 ASN A C   1 
ATOM   231 O O   . ASN A 1 32 ? 1.481   -3.223  -8.968  1.00 23.48 ? 34 ASN A O   1 
ATOM   232 C CB  . ASN A 1 32 ? -0.700  -2.993  -10.644 1.00 29.86 ? 34 ASN A CB  1 
ATOM   233 C CG  . ASN A 1 32 ? 0.177   -4.003  -11.355 1.00 30.10 ? 34 ASN A CG  1 
ATOM   234 O OD1 . ASN A 1 32 ? 0.008   -5.210  -11.192 1.00 33.40 ? 34 ASN A OD1 1 
ATOM   235 N ND2 . ASN A 1 32 ? 1.111   -3.513  -12.162 1.00 34.58 ? 34 ASN A ND2 1 
ATOM   236 N N   . TRP A 1 33 ? 0.251   -3.028  -7.080  1.00 21.10 ? 35 TRP A N   1 
ATOM   237 C CA  . TRP A 1 33 ? 1.378   -2.874  -6.173  1.00 21.18 ? 35 TRP A CA  1 
ATOM   238 C C   . TRP A 1 33 ? 2.312   -1.721  -6.529  1.00 22.62 ? 35 TRP A C   1 
ATOM   239 O O   . TRP A 1 33 ? 3.481   -1.729  -6.147  1.00 22.52 ? 35 TRP A O   1 
ATOM   240 C CB  . TRP A 1 33 ? 2.175   -4.182  -6.066  1.00 22.38 ? 35 TRP A CB  1 
ATOM   241 C CG  . TRP A 1 33 ? 1.399   -5.307  -5.421  1.00 22.47 ? 35 TRP A CG  1 
ATOM   242 C CD1 . TRP A 1 33 ? 0.564   -6.187  -6.044  1.00 23.17 ? 35 TRP A CD1 1 
ATOM   243 C CD2 . TRP A 1 33 ? 1.353   -5.634  -4.021  1.00 22.01 ? 35 TRP A CD2 1 
ATOM   244 N NE1 . TRP A 1 33 ? -0.001  -7.040  -5.125  1.00 21.70 ? 35 TRP A NE1 1 
ATOM   245 C CE2 . TRP A 1 33 ? 0.464   -6.724  -3.879  1.00 22.40 ? 35 TRP A CE2 1 
ATOM   246 C CE3 . TRP A 1 33 ? 1.972   -5.111  -2.878  1.00 21.69 ? 35 TRP A CE3 1 
ATOM   247 C CZ2 . TRP A 1 33 ? 0.183   -7.303  -2.634  1.00 21.53 ? 35 TRP A CZ2 1 
ATOM   248 C CZ3 . TRP A 1 33 ? 1.692   -5.684  -1.644  1.00 21.61 ? 35 TRP A CZ3 1 
ATOM   249 C CH2 . TRP A 1 33 ? 0.803   -6.771  -1.533  1.00 22.11 ? 35 TRP A CH2 1 
ATOM   250 N N   . ASP A 1 34 ? 1.800   -0.731  -7.257  1.00 21.53 ? 36 ASP A N   1 
ATOM   251 C CA  . ASP A 1 34 ? 2.606   0.437   -7.600  1.00 24.83 ? 36 ASP A CA  1 
ATOM   252 C C   . ASP A 1 34 ? 2.412   1.389   -6.436  1.00 24.64 ? 36 ASP A C   1 
ATOM   253 O O   . ASP A 1 34 ? 1.377   2.050   -6.320  1.00 22.83 ? 36 ASP A O   1 
ATOM   254 C CB  . ASP A 1 34 ? 2.121   1.108   -8.884  1.00 39.47 ? 36 ASP A CB  1 
ATOM   255 C CG  . ASP A 1 34 ? 3.057   2.214   -9.338  1.00 42.96 ? 36 ASP A CG  1 
ATOM   256 O OD1 . ASP A 1 34 ? 2.722   2.944   -10.291 1.00 46.22 ? 36 ASP A OD1 1 
ATOM   257 O OD2 . ASP A 1 34 ? 4.143   2.351   -8.736  1.00 46.50 ? 36 ASP A OD2 1 
ATOM   258 N N   . LEU A 1 35 ? 3.412   1.447   -5.569  1.00 25.40 ? 37 LEU A N   1 
ATOM   259 C CA  . LEU A 1 35 ? 3.347   2.276   -4.380  1.00 25.43 ? 37 LEU A CA  1 
ATOM   260 C C   . LEU A 1 35 ? 2.952   3.723   -4.651  1.00 27.10 ? 37 LEU A C   1 
ATOM   261 O O   . LEU A 1 35 ? 2.083   4.270   -3.973  1.00 24.95 ? 37 LEU A O   1 
ATOM   262 C CB  . LEU A 1 35 ? 4.685   2.215   -3.652  1.00 20.71 ? 37 LEU A CB  1 
ATOM   263 C CG  . LEU A 1 35 ? 4.803   2.908   -2.301  1.00 18.03 ? 37 LEU A CG  1 
ATOM   264 C CD1 . LEU A 1 35 ? 3.733   2.388   -1.339  1.00 14.36 ? 37 LEU A CD1 1 
ATOM   265 C CD2 . LEU A 1 35 ? 6.197   2.645   -1.752  1.00 18.62 ? 37 LEU A CD2 1 
ATOM   266 N N   . VAL A 1 36 ? 3.577   4.339   -5.649  1.00 36.24 ? 38 VAL A N   1 
ATOM   267 C CA  . VAL A 1 36 ? 3.276   5.726   -5.975  1.00 39.29 ? 38 VAL A CA  1 
ATOM   268 C C   . VAL A 1 36 ? 1.785   5.932   -6.238  1.00 39.04 ? 38 VAL A C   1 
ATOM   269 O O   . VAL A 1 36 ? 1.179   6.870   -5.721  1.00 40.43 ? 38 VAL A O   1 
ATOM   270 C CB  . VAL A 1 36 ? 4.095   6.204   -7.208  1.00 43.87 ? 38 VAL A CB  1 
ATOM   271 C CG1 . VAL A 1 36 ? 3.187   6.459   -8.404  1.00 44.98 ? 38 VAL A CG1 1 
ATOM   272 C CG2 . VAL A 1 36 ? 4.858   7.459   -6.852  1.00 46.63 ? 38 VAL A CG2 1 
ATOM   273 N N   . ALA A 1 37 ? 1.200   5.043   -7.034  1.00 32.97 ? 39 ALA A N   1 
ATOM   274 C CA  . ALA A 1 37 ? -0.212  5.137   -7.376  1.00 32.23 ? 39 ALA A CA  1 
ATOM   275 C C   . ALA A 1 37 ? -1.119  4.904   -6.178  1.00 31.40 ? 39 ALA A C   1 
ATOM   276 O O   . ALA A 1 37 ? -2.080  5.642   -5.973  1.00 31.71 ? 39 ALA A O   1 
ATOM   277 C CB  . ALA A 1 37 ? -0.547  4.145   -8.486  1.00 33.17 ? 39 ALA A CB  1 
ATOM   278 N N   . ALA A 1 38 ? -0.816  3.880   -5.383  1.00 27.84 ? 40 ALA A N   1 
ATOM   279 C CA  . ALA A 1 38 ? -1.637  3.569   -4.216  1.00 26.82 ? 40 ALA A CA  1 
ATOM   280 C C   . ALA A 1 38 ? -1.684  4.727   -3.222  1.00 27.02 ? 40 ALA A C   1 
ATOM   281 O O   . ALA A 1 38 ? -2.749  5.062   -2.704  1.00 26.17 ? 40 ALA A O   1 
ATOM   282 C CB  . ALA A 1 38 ? -1.123  2.300   -3.523  1.00 17.72 ? 40 ALA A CB  1 
ATOM   283 N N   . ILE A 1 39 ? -0.534  5.339   -2.960  1.00 30.02 ? 41 ILE A N   1 
ATOM   284 C CA  . ILE A 1 39 ? -0.474  6.452   -2.019  1.00 32.33 ? 41 ILE A CA  1 
ATOM   285 C C   . ILE A 1 39 ? -1.290  7.652   -2.500  1.00 34.58 ? 41 ILE A C   1 
ATOM   286 O O   . ILE A 1 39 ? -2.145  8.156   -1.775  1.00 34.53 ? 41 ILE A O   1 
ATOM   287 C CB  . ILE A 1 39 ? 0.980   6.904   -1.773  1.00 28.03 ? 41 ILE A CB  1 
ATOM   288 C CG1 . ILE A 1 39 ? 1.752   5.789   -1.063  1.00 26.21 ? 41 ILE A CG1 1 
ATOM   289 C CG2 . ILE A 1 39 ? 0.995   8.176   -0.928  1.00 28.28 ? 41 ILE A CG2 1 
ATOM   290 C CD1 . ILE A 1 39 ? 3.197   6.128   -0.759  1.00 25.86 ? 41 ILE A CD1 1 
ATOM   291 N N   . ASN A 1 40 ? -1.026  8.105   -3.721  1.00 47.76 ? 42 ASN A N   1 
ATOM   292 C CA  . ASN A 1 40 ? -1.749  9.244   -4.273  1.00 50.44 ? 42 ASN A CA  1 
ATOM   293 C C   . ASN A 1 40 ? -3.186  8.869   -4.613  1.00 51.69 ? 42 ASN A C   1 
ATOM   294 O O   . ASN A 1 40 ? -3.869  9.572   -5.359  1.00 53.00 ? 42 ASN A O   1 
ATOM   295 C CB  . ASN A 1 40 ? -1.034  9.780   -5.517  1.00 42.92 ? 42 ASN A CB  1 
ATOM   296 C CG  . ASN A 1 40 ? 0.336   10.345  -5.197  1.00 43.40 ? 42 ASN A CG  1 
ATOM   297 O OD1 . ASN A 1 40 ? 0.476   11.200  -4.320  1.00 44.85 ? 42 ASN A OD1 1 
ATOM   298 N ND2 . ASN A 1 40 ? 1.354   9.875   -5.907  1.00 43.61 ? 42 ASN A ND2 1 
ATOM   299 N N   . GLY A 1 41 ? -3.638  7.752   -4.054  1.00 42.02 ? 43 GLY A N   1 
ATOM   300 C CA  . GLY A 1 41 ? -4.994  7.296   -4.289  1.00 42.29 ? 43 GLY A CA  1 
ATOM   301 C C   . GLY A 1 41 ? -5.808  7.395   -3.014  1.00 42.49 ? 43 GLY A C   1 
ATOM   302 O O   . GLY A 1 41 ? -7.028  7.226   -3.028  1.00 42.66 ? 43 GLY A O   1 
ATOM   303 N N   . VAL A 1 42 ? -5.127  7.668   -1.906  1.00 43.59 ? 44 VAL A N   1 
ATOM   304 C CA  . VAL A 1 42 ? -5.789  7.797   -0.612  1.00 44.29 ? 44 VAL A CA  1 
ATOM   305 C C   . VAL A 1 42 ? -6.123  9.262   -0.348  1.00 45.01 ? 44 VAL A C   1 
ATOM   306 O O   . VAL A 1 42 ? -5.401  10.135  -0.874  1.00 45.16 ? 44 VAL A O   1 
ATOM   307 C CB  . VAL A 1 42 ? -4.885  7.276   0.537   1.00 43.46 ? 44 VAL A CB  1 
ATOM   308 C CG1 . VAL A 1 42 ? -5.574  7.472   1.880   1.00 44.07 ? 44 VAL A CG1 1 
ATOM   309 C CG2 . VAL A 1 42 ? -4.563  5.808   0.321   1.00 42.84 ? 44 VAL A CG2 1 
HETATM 310 O O   . HOH B 2 .  ? 3.781   -3.491  7.473   1.00 29.80 ? 48 HOH A O   1 
HETATM 311 O O   . HOH B 2 .  ? 8.889   0.690   -2.302  1.00 29.70 ? 49 HOH A O   1 
HETATM 312 O O   . HOH B 2 .  ? 5.403   -5.218  5.875   1.00 30.89 ? 50 HOH A O   1 
HETATM 313 O O   . HOH B 2 .  ? -4.491  -5.885  10.205  1.00 30.17 ? 51 HOH A O   1 
HETATM 314 O O   . HOH B 2 .  ? -10.589 -6.236  5.977   1.00 28.55 ? 52 HOH A O   1 
HETATM 315 O O   . HOH B 2 .  ? -6.109  -7.292  8.409   1.00 29.22 ? 53 HOH A O   1 
HETATM 316 O O   . HOH B 2 .  ? 7.923   -9.795  -2.065  1.00 38.32 ? 54 HOH A O   1 
HETATM 317 O O   . HOH B 2 .  ? -3.413  -7.069  -8.470  1.00 34.42 ? 55 HOH A O   1 
HETATM 318 O O   . HOH B 2 .  ? -5.374  3.920   -2.703  1.00 40.12 ? 56 HOH A O   1 
HETATM 319 O O   . HOH B 2 .  ? 4.923   0.733   8.323   1.00 30.38 ? 57 HOH A O   1 
HETATM 320 O O   . HOH B 2 .  ? 5.926   -0.004  -6.410  1.00 35.28 ? 58 HOH A O   1 
HETATM 321 O O   . HOH B 2 .  ? -8.967  -7.050  9.077   1.00 36.91 ? 59 HOH A O   1 
HETATM 322 O O   . HOH B 2 .  ? -4.936  -10.937 -0.695  1.00 36.86 ? 60 HOH A O   1 
HETATM 323 O O   . HOH B 2 .  ? 3.294   -5.191  -13.273 1.00 45.70 ? 61 HOH A O   1 
HETATM 324 O O   . HOH B 2 .  ? 3.931   -2.253  -10.118 1.00 49.99 ? 62 HOH A O   1 
HETATM 325 O O   . HOH B 2 .  ? 3.680   2.059   10.279  1.00 59.91 ? 63 HOH A O   1 
HETATM 326 O O   . HOH B 2 .  ? -6.184  -1.679  12.072  1.00 39.45 ? 64 HOH A O   1 
HETATM 327 O O   . HOH B 2 .  ? -1.196  -3.301  11.599  1.00 42.60 ? 65 HOH A O   1 
HETATM 328 O O   . HOH B 2 .  ? -7.006  12.036  2.092   1.00 52.85 ? 66 HOH A O   1 
HETATM 329 O O   . HOH B 2 .  ? -7.581  5.106   -1.638  1.00 55.80 ? 67 HOH A O   1 
HETATM 330 O O   . HOH B 2 .  ? -6.513  3.344   -5.047  1.00 43.14 ? 68 HOH A O   1 
HETATM 331 O O   . HOH B 2 .  ? -9.093  -8.196  -2.065  1.00 50.18 ? 69 HOH A O   1 
HETATM 332 O O   . HOH B 2 .  ? -8.251  -6.628  -4.863  1.00 36.19 ? 70 HOH A O   1 
HETATM 333 O O   . HOH B 2 .  ? 1.508   5.018   11.093  1.00 54.65 ? 71 HOH A O   1 
HETATM 334 O O   . HOH B 2 .  ? -10.774 -4.089  -7.038  1.00 32.97 ? 72 HOH A O   1 
HETATM 335 O O   . HOH B 2 .  ? 5.583   -1.720  8.864   1.00 45.62 ? 73 HOH A O   1 
HETATM 336 O O   . HOH B 2 .  ? 8.014   0.550   -4.779  1.00 39.34 ? 74 HOH A O   1 
HETATM 337 O O   . HOH B 2 .  ? -5.461  -4.197  12.666  1.00 54.52 ? 75 HOH A O   1 
HETATM 338 O O   . HOH B 2 .  ? 5.997   3.593   -6.944  1.00 42.62 ? 76 HOH A O   1 
HETATM 339 O O   . HOH B 2 .  ? 1.005   -3.100  10.493  1.00 46.95 ? 77 HOH A O   1 
HETATM 340 O O   . HOH B 2 .  ? 10.409  -0.461  -7.549  1.00 46.98 ? 78 HOH A O   1 
HETATM 341 O O   . HOH B 2 .  ? 6.489   -11.180 -3.718  1.00 39.62 ? 79 HOH A O   1 
# 
loop_
_pdbx_poly_seq_scheme.asym_id 
_pdbx_poly_seq_scheme.entity_id 
_pdbx_poly_seq_scheme.seq_id 
_pdbx_poly_seq_scheme.mon_id 
_pdbx_poly_seq_scheme.ndb_seq_num 
_pdbx_poly_seq_scheme.pdb_seq_num 
_pdbx_poly_seq_scheme.auth_seq_num 
_pdbx_poly_seq_scheme.pdb_mon_id 
_pdbx_poly_seq_scheme.auth_mon_id 
_pdbx_poly_seq_scheme.pdb_strand_id 
_pdbx_poly_seq_scheme.pdb_ins_code 
_pdbx_poly_seq_scheme.hetero 
A 1 1  GLY 1  3  ?  ?   ?   A . n 
A 1 2  SER 2  4  ?  ?   ?   A . n 
A 1 3  MET 3  5  5  MET MET A . n 
A 1 4  ASP 4  6  6  ASP ASP A . n 
A 1 5  ARG 5  7  7  ARG ARG A . n 
A 1 6  GLU 6  8  8  GLU GLU A . n 
A 1 7  MET 7  9  9  MET MET A . n 
A 1 8  ILE 8  10 10 ILE ILE A . n 
A 1 9  LEU 9  11 11 LEU LEU A . n 
A 1 10 ALA 10 12 12 ALA ALA A . n 
A 1 11 ASP 11 13 13 ASP ASP A . n 
A 1 12 PHE 12 14 14 PHE PHE A . n 
A 1 13 GLN 13 15 15 GLN GLN A . n 
A 1 14 ALA 14 16 16 ALA ALA A . n 
A 1 15 CYS 15 17 17 CYS CYS A . n 
A 1 16 THR 16 18 18 THR THR A . n 
A 1 17 GLY 17 19 19 GLY GLY A . n 
A 1 18 ILE 18 20 20 ILE ILE A . n 
A 1 19 GLU 19 21 21 GLU GLU A . n 
A 1 20 ASN 20 22 22 ASN ASN A . n 
A 1 21 ILE 21 23 23 ILE ILE A . n 
A 1 22 ASP 22 24 24 ASP ASP A . n 
A 1 23 GLU 23 25 25 GLU GLU A . n 
A 1 24 ALA 24 26 26 ALA ALA A . n 
A 1 25 ILE 25 27 27 ILE ILE A . n 
A 1 26 THR 26 28 28 THR THR A . n 
A 1 27 LEU 27 29 29 LEU LEU A . n 
A 1 28 LEU 28 30 30 LEU LEU A . n 
A 1 29 GLU 29 31 31 GLU GLU A . n 
A 1 30 GLN 30 32 32 GLN GLN A . n 
A 1 31 ASN 31 33 33 ASN ASN A . n 
A 1 32 ASN 32 34 34 ASN ASN A . n 
A 1 33 TRP 33 35 35 TRP TRP A . n 
A 1 34 ASP 34 36 36 ASP ASP A . n 
A 1 35 LEU 35 37 37 LEU LEU A . n 
A 1 36 VAL 36 38 38 VAL VAL A . n 
A 1 37 ALA 37 39 39 ALA ALA A . n 
A 1 38 ALA 38 40 40 ALA ALA A . n 
A 1 39 ILE 39 41 41 ILE ILE A . n 
A 1 40 ASN 40 42 42 ASN ASN A . n 
A 1 41 GLY 41 43 43 GLY GLY A . n 
A 1 42 VAL 42 44 44 VAL VAL A . n 
A 1 43 ILE 43 45 ?  ?   ?   A . n 
A 1 44 PRO 44 46 ?  ?   ?   A . n 
A 1 45 GLN 45 47 ?  ?   ?   A . n 
# 
loop_
_pdbx_nonpoly_scheme.asym_id 
_pdbx_nonpoly_scheme.entity_id 
_pdbx_nonpoly_scheme.mon_id 
_pdbx_nonpoly_scheme.ndb_seq_num 
_pdbx_nonpoly_scheme.pdb_seq_num 
_pdbx_nonpoly_scheme.auth_seq_num 
_pdbx_nonpoly_scheme.pdb_mon_id 
_pdbx_nonpoly_scheme.auth_mon_id 
_pdbx_nonpoly_scheme.pdb_strand_id 
_pdbx_nonpoly_scheme.pdb_ins_code 
B 2 HOH 1  48 48 HOH HOH A . 
B 2 HOH 2  49 49 HOH HOH A . 
B 2 HOH 3  50 50 HOH HOH A . 
B 2 HOH 4  51 51 HOH HOH A . 
B 2 HOH 5  52 52 HOH HOH A . 
B 2 HOH 6  53 53 HOH HOH A . 
B 2 HOH 7  54 54 HOH HOH A . 
B 2 HOH 8  55 55 HOH HOH A . 
B 2 HOH 9  56 56 HOH HOH A . 
B 2 HOH 10 57 57 HOH HOH A . 
B 2 HOH 11 58 58 HOH HOH A . 
B 2 HOH 12 59 59 HOH HOH A . 
B 2 HOH 13 60 60 HOH HOH A . 
B 2 HOH 14 61 61 HOH HOH A . 
B 2 HOH 15 62 62 HOH HOH A . 
B 2 HOH 16 63 63 HOH HOH A . 
B 2 HOH 17 64 64 HOH HOH A . 
B 2 HOH 18 65 65 HOH HOH A . 
B 2 HOH 19 66 66 HOH HOH A . 
B 2 HOH 20 67 67 HOH HOH A . 
B 2 HOH 21 68 68 HOH HOH A . 
B 2 HOH 22 69 69 HOH HOH A . 
B 2 HOH 23 70 70 HOH HOH A . 
B 2 HOH 24 71 71 HOH HOH A . 
B 2 HOH 25 72 72 HOH HOH A . 
B 2 HOH 26 73 73 HOH HOH A . 
B 2 HOH 27 74 74 HOH HOH A . 
B 2 HOH 28 75 75 HOH HOH A . 
B 2 HOH 29 76 76 HOH HOH A . 
B 2 HOH 30 77 77 HOH HOH A . 
B 2 HOH 31 78 78 HOH HOH A . 
B 2 HOH 32 79 79 HOH HOH A . 
# 
_pdbx_struct_assembly.id                   1 
_pdbx_struct_assembly.details              author_and_software_defined_assembly 
_pdbx_struct_assembly.method_details       PISA 
_pdbx_struct_assembly.oligomeric_details   monomeric 
_pdbx_struct_assembly.oligomeric_count     1 
# 
_pdbx_struct_assembly_gen.assembly_id       1 
_pdbx_struct_assembly_gen.oper_expression   1 
_pdbx_struct_assembly_gen.asym_id_list      A,B 
# 
_pdbx_struct_oper_list.id                   1 
_pdbx_struct_oper_list.type                 'identity operation' 
_pdbx_struct_oper_list.name                 1_555 
_pdbx_struct_oper_list.symmetry_operation   x,y,z 
_pdbx_struct_oper_list.matrix[1][1]         1.0000000000 
_pdbx_struct_oper_list.matrix[1][2]         0.0000000000 
_pdbx_struct_oper_list.matrix[1][3]         0.0000000000 
_pdbx_struct_oper_list.vector[1]            0.0000000000 
_pdbx_struct_oper_list.matrix[2][1]         0.0000000000 
_pdbx_struct_oper_list.matrix[2][2]         1.0000000000 
_pdbx_struct_oper_list.matrix[2][3]         0.0000000000 
_pdbx_struct_oper_list.vector[2]            0.0000000000 
_pdbx_struct_oper_list.matrix[3][1]         0.0000000000 
_pdbx_struct_oper_list.matrix[3][2]         0.0000000000 
_pdbx_struct_oper_list.matrix[3][3]         1.0000000000 
_pdbx_struct_oper_list.vector[3]            0.0000000000 
# 
loop_
_pdbx_audit_revision_history.ordinal 
_pdbx_audit_revision_history.data_content_type 
_pdbx_audit_revision_history.major_revision 
_pdbx_audit_revision_history.minor_revision 
_pdbx_audit_revision_history.revision_date 
1 'Structure model' 1 0 2009-08-11 
2 'Structure model' 1 1 2011-07-13 
3 'Structure model' 1 2 2023-11-01 
# 
_pdbx_audit_revision_details.ordinal             1 
_pdbx_audit_revision_details.revision_ordinal    1 
_pdbx_audit_revision_details.data_content_type   'Structure model' 
_pdbx_audit_revision_details.provider            repository 
_pdbx_audit_revision_details.type                'Initial release' 
_pdbx_audit_revision_details.description         ? 
_pdbx_audit_revision_details.details             ? 
# 
loop_
_pdbx_audit_revision_group.ordinal 
_pdbx_audit_revision_group.revision_ordinal 
_pdbx_audit_revision_group.data_content_type 
_pdbx_audit_revision_group.group 
1 2 'Structure model' 'Version format compliance' 
2 3 'Structure model' 'Data collection'           
3 3 'Structure model' 'Database references'       
4 3 'Structure model' 'Refinement description'    
# 
loop_
_pdbx_audit_revision_category.ordinal 
_pdbx_audit_revision_category.revision_ordinal 
_pdbx_audit_revision_category.data_content_type 
_pdbx_audit_revision_category.category 
1 3 'Structure model' chem_comp_atom                
2 3 'Structure model' chem_comp_bond                
3 3 'Structure model' database_2                    
4 3 'Structure model' pdbx_initial_refinement_model 
5 3 'Structure model' struct_ref_seq_dif            
# 
loop_
_pdbx_audit_revision_item.ordinal 
_pdbx_audit_revision_item.revision_ordinal 
_pdbx_audit_revision_item.data_content_type 
_pdbx_audit_revision_item.item 
1 3 'Structure model' '_database_2.pdbx_DOI'                
2 3 'Structure model' '_database_2.pdbx_database_accession' 
3 3 'Structure model' '_struct_ref_seq_dif.details'         
# 
loop_
_software.name 
_software.classification 
_software.version 
_software.citation_id 
_software.pdbx_ordinal 
CNS      refinement        1.1 ? 1 
HKL-2000 'data collection' .   ? 2 
HKL-2000 'data reduction'  .   ? 3 
HKL-2000 'data scaling'    .   ? 4 
X-PLOR   phasing           .   ? 5 
# 
_pdbx_validate_torsion.id              1 
_pdbx_validate_torsion.PDB_model_num   1 
_pdbx_validate_torsion.auth_comp_id    ASP 
_pdbx_validate_torsion.auth_asym_id    A 
_pdbx_validate_torsion.auth_seq_id     6 
_pdbx_validate_torsion.PDB_ins_code    ? 
_pdbx_validate_torsion.label_alt_id    ? 
_pdbx_validate_torsion.phi             59.07 
_pdbx_validate_torsion.psi             76.98 
# 
loop_
_pdbx_unobs_or_zero_occ_residues.id 
_pdbx_unobs_or_zero_occ_residues.PDB_model_num 
_pdbx_unobs_or_zero_occ_residues.polymer_flag 
_pdbx_unobs_or_zero_occ_residues.occupancy_flag 
_pdbx_unobs_or_zero_occ_residues.auth_asym_id 
_pdbx_unobs_or_zero_occ_residues.auth_comp_id 
_pdbx_unobs_or_zero_occ_residues.auth_seq_id 
_pdbx_unobs_or_zero_occ_residues.PDB_ins_code 
_pdbx_unobs_or_zero_occ_residues.label_asym_id 
_pdbx_unobs_or_zero_occ_residues.label_comp_id 
_pdbx_unobs_or_zero_occ_residues.label_seq_id 
1 1 Y 1 A GLY 3  ? A GLY 1  
2 1 Y 1 A SER 4  ? A SER 2  
3 1 Y 1 A ILE 45 ? A ILE 43 
4 1 Y 1 A PRO 46 ? A PRO 44 
5 1 Y 1 A GLN 47 ? A GLN 45 
# 
loop_
_chem_comp_atom.comp_id 
_chem_comp_atom.atom_id 
_chem_comp_atom.type_symbol 
_chem_comp_atom.pdbx_aromatic_flag 
_chem_comp_atom.pdbx_stereo_config 
_chem_comp_atom.pdbx_ordinal 
ALA N    N N N 1   
ALA CA   C N S 2   
ALA C    C N N 3   
ALA O    O N N 4   
ALA CB   C N N 5   
ALA OXT  O N N 6   
ALA H    H N N 7   
ALA H2   H N N 8   
ALA HA   H N N 9   
ALA HB1  H N N 10  
ALA HB2  H N N 11  
ALA HB3  H N N 12  
ALA HXT  H N N 13  
ARG N    N N N 14  
ARG CA   C N S 15  
ARG C    C N N 16  
ARG O    O N N 17  
ARG CB   C N N 18  
ARG CG   C N N 19  
ARG CD   C N N 20  
ARG NE   N N N 21  
ARG CZ   C N N 22  
ARG NH1  N N N 23  
ARG NH2  N N N 24  
ARG OXT  O N N 25  
ARG H    H N N 26  
ARG H2   H N N 27  
ARG HA   H N N 28  
ARG HB2  H N N 29  
ARG HB3  H N N 30  
ARG HG2  H N N 31  
ARG HG3  H N N 32  
ARG HD2  H N N 33  
ARG HD3  H N N 34  
ARG HE   H N N 35  
ARG HH11 H N N 36  
ARG HH12 H N N 37  
ARG HH21 H N N 38  
ARG HH22 H N N 39  
ARG HXT  H N N 40  
ASN N    N N N 41  
ASN CA   C N S 42  
ASN C    C N N 43  
ASN O    O N N 44  
ASN CB   C N N 45  
ASN CG   C N N 46  
ASN OD1  O N N 47  
ASN ND2  N N N 48  
ASN OXT  O N N 49  
ASN H    H N N 50  
ASN H2   H N N 51  
ASN HA   H N N 52  
ASN HB2  H N N 53  
ASN HB3  H N N 54  
ASN HD21 H N N 55  
ASN HD22 H N N 56  
ASN HXT  H N N 57  
ASP N    N N N 58  
ASP CA   C N S 59  
ASP C    C N N 60  
ASP O    O N N 61  
ASP CB   C N N 62  
ASP CG   C N N 63  
ASP OD1  O N N 64  
ASP OD2  O N N 65  
ASP OXT  O N N 66  
ASP H    H N N 67  
ASP H2   H N N 68  
ASP HA   H N N 69  
ASP HB2  H N N 70  
ASP HB3  H N N 71  
ASP HD2  H N N 72  
ASP HXT  H N N 73  
CYS N    N N N 74  
CYS CA   C N R 75  
CYS C    C N N 76  
CYS O    O N N 77  
CYS CB   C N N 78  
CYS SG   S N N 79  
CYS OXT  O N N 80  
CYS H    H N N 81  
CYS H2   H N N 82  
CYS HA   H N N 83  
CYS HB2  H N N 84  
CYS HB3  H N N 85  
CYS HG   H N N 86  
CYS HXT  H N N 87  
GLN N    N N N 88  
GLN CA   C N S 89  
GLN C    C N N 90  
GLN O    O N N 91  
GLN CB   C N N 92  
GLN CG   C N N 93  
GLN CD   C N N 94  
GLN OE1  O N N 95  
GLN NE2  N N N 96  
GLN OXT  O N N 97  
GLN H    H N N 98  
GLN H2   H N N 99  
GLN HA   H N N 100 
GLN HB2  H N N 101 
GLN HB3  H N N 102 
GLN HG2  H N N 103 
GLN HG3  H N N 104 
GLN HE21 H N N 105 
GLN HE22 H N N 106 
GLN HXT  H N N 107 
GLU N    N N N 108 
GLU CA   C N S 109 
GLU C    C N N 110 
GLU O    O N N 111 
GLU CB   C N N 112 
GLU CG   C N N 113 
GLU CD   C N N 114 
GLU OE1  O N N 115 
GLU OE2  O N N 116 
GLU OXT  O N N 117 
GLU H    H N N 118 
GLU H2   H N N 119 
GLU HA   H N N 120 
GLU HB2  H N N 121 
GLU HB3  H N N 122 
GLU HG2  H N N 123 
GLU HG3  H N N 124 
GLU HE2  H N N 125 
GLU HXT  H N N 126 
GLY N    N N N 127 
GLY CA   C N N 128 
GLY C    C N N 129 
GLY O    O N N 130 
GLY OXT  O N N 131 
GLY H    H N N 132 
GLY H2   H N N 133 
GLY HA2  H N N 134 
GLY HA3  H N N 135 
GLY HXT  H N N 136 
HOH O    O N N 137 
HOH H1   H N N 138 
HOH H2   H N N 139 
ILE N    N N N 140 
ILE CA   C N S 141 
ILE C    C N N 142 
ILE O    O N N 143 
ILE CB   C N S 144 
ILE CG1  C N N 145 
ILE CG2  C N N 146 
ILE CD1  C N N 147 
ILE OXT  O N N 148 
ILE H    H N N 149 
ILE H2   H N N 150 
ILE HA   H N N 151 
ILE HB   H N N 152 
ILE HG12 H N N 153 
ILE HG13 H N N 154 
ILE HG21 H N N 155 
ILE HG22 H N N 156 
ILE HG23 H N N 157 
ILE HD11 H N N 158 
ILE HD12 H N N 159 
ILE HD13 H N N 160 
ILE HXT  H N N 161 
LEU N    N N N 162 
LEU CA   C N S 163 
LEU C    C N N 164 
LEU O    O N N 165 
LEU CB   C N N 166 
LEU CG   C N N 167 
LEU CD1  C N N 168 
LEU CD2  C N N 169 
LEU OXT  O N N 170 
LEU H    H N N 171 
LEU H2   H N N 172 
LEU HA   H N N 173 
LEU HB2  H N N 174 
LEU HB3  H N N 175 
LEU HG   H N N 176 
LEU HD11 H N N 177 
LEU HD12 H N N 178 
LEU HD13 H N N 179 
LEU HD21 H N N 180 
LEU HD22 H N N 181 
LEU HD23 H N N 182 
LEU HXT  H N N 183 
MET N    N N N 184 
MET CA   C N S 185 
MET C    C N N 186 
MET O    O N N 187 
MET CB   C N N 188 
MET CG   C N N 189 
MET SD   S N N 190 
MET CE   C N N 191 
MET OXT  O N N 192 
MET H    H N N 193 
MET H2   H N N 194 
MET HA   H N N 195 
MET HB2  H N N 196 
MET HB3  H N N 197 
MET HG2  H N N 198 
MET HG3  H N N 199 
MET HE1  H N N 200 
MET HE2  H N N 201 
MET HE3  H N N 202 
MET HXT  H N N 203 
PHE N    N N N 204 
PHE CA   C N S 205 
PHE C    C N N 206 
PHE O    O N N 207 
PHE CB   C N N 208 
PHE CG   C Y N 209 
PHE CD1  C Y N 210 
PHE CD2  C Y N 211 
PHE CE1  C Y N 212 
PHE CE2  C Y N 213 
PHE CZ   C Y N 214 
PHE OXT  O N N 215 
PHE H    H N N 216 
PHE H2   H N N 217 
PHE HA   H N N 218 
PHE HB2  H N N 219 
PHE HB3  H N N 220 
PHE HD1  H N N 221 
PHE HD2  H N N 222 
PHE HE1  H N N 223 
PHE HE2  H N N 224 
PHE HZ   H N N 225 
PHE HXT  H N N 226 
PRO N    N N N 227 
PRO CA   C N S 228 
PRO C    C N N 229 
PRO O    O N N 230 
PRO CB   C N N 231 
PRO CG   C N N 232 
PRO CD   C N N 233 
PRO OXT  O N N 234 
PRO H    H N N 235 
PRO HA   H N N 236 
PRO HB2  H N N 237 
PRO HB3  H N N 238 
PRO HG2  H N N 239 
PRO HG3  H N N 240 
PRO HD2  H N N 241 
PRO HD3  H N N 242 
PRO HXT  H N N 243 
SER N    N N N 244 
SER CA   C N S 245 
SER C    C N N 246 
SER O    O N N 247 
SER CB   C N N 248 
SER OG   O N N 249 
SER OXT  O N N 250 
SER H    H N N 251 
SER H2   H N N 252 
SER HA   H N N 253 
SER HB2  H N N 254 
SER HB3  H N N 255 
SER HG   H N N 256 
SER HXT  H N N 257 
THR N    N N N 258 
THR CA   C N S 259 
THR C    C N N 260 
THR O    O N N 261 
THR CB   C N R 262 
THR OG1  O N N 263 
THR CG2  C N N 264 
THR OXT  O N N 265 
THR H    H N N 266 
THR H2   H N N 267 
THR HA   H N N 268 
THR HB   H N N 269 
THR HG1  H N N 270 
THR HG21 H N N 271 
THR HG22 H N N 272 
THR HG23 H N N 273 
THR HXT  H N N 274 
TRP N    N N N 275 
TRP CA   C N S 276 
TRP C    C N N 277 
TRP O    O N N 278 
TRP CB   C N N 279 
TRP CG   C Y N 280 
TRP CD1  C Y N 281 
TRP CD2  C Y N 282 
TRP NE1  N Y N 283 
TRP CE2  C Y N 284 
TRP CE3  C Y N 285 
TRP CZ2  C Y N 286 
TRP CZ3  C Y N 287 
TRP CH2  C Y N 288 
TRP OXT  O N N 289 
TRP H    H N N 290 
TRP H2   H N N 291 
TRP HA   H N N 292 
TRP HB2  H N N 293 
TRP HB3  H N N 294 
TRP HD1  H N N 295 
TRP HE1  H N N 296 
TRP HE3  H N N 297 
TRP HZ2  H N N 298 
TRP HZ3  H N N 299 
TRP HH2  H N N 300 
TRP HXT  H N N 301 
VAL N    N N N 302 
VAL CA   C N S 303 
VAL C    C N N 304 
VAL O    O N N 305 
VAL CB   C N N 306 
VAL CG1  C N N 307 
VAL CG2  C N N 308 
VAL OXT  O N N 309 
VAL H    H N N 310 
VAL H2   H N N 311 
VAL HA   H N N 312 
VAL HB   H N N 313 
VAL HG11 H N N 314 
VAL HG12 H N N 315 
VAL HG13 H N N 316 
VAL HG21 H N N 317 
VAL HG22 H N N 318 
VAL HG23 H N N 319 
VAL HXT  H N N 320 
# 
loop_
_chem_comp_bond.comp_id 
_chem_comp_bond.atom_id_1 
_chem_comp_bond.atom_id_2 
_chem_comp_bond.value_order 
_chem_comp_bond.pdbx_aromatic_flag 
_chem_comp_bond.pdbx_stereo_config 
_chem_comp_bond.pdbx_ordinal 
ALA N   CA   sing N N 1   
ALA N   H    sing N N 2   
ALA N   H2   sing N N 3   
ALA CA  C    sing N N 4   
ALA CA  CB   sing N N 5   
ALA CA  HA   sing N N 6   
ALA C   O    doub N N 7   
ALA C   OXT  sing N N 8   
ALA CB  HB1  sing N N 9   
ALA CB  HB2  sing N N 10  
ALA CB  HB3  sing N N 11  
ALA OXT HXT  sing N N 12  
ARG N   CA   sing N N 13  
ARG N   H    sing N N 14  
ARG N   H2   sing N N 15  
ARG CA  C    sing N N 16  
ARG CA  CB   sing N N 17  
ARG CA  HA   sing N N 18  
ARG C   O    doub N N 19  
ARG C   OXT  sing N N 20  
ARG CB  CG   sing N N 21  
ARG CB  HB2  sing N N 22  
ARG CB  HB3  sing N N 23  
ARG CG  CD   sing N N 24  
ARG CG  HG2  sing N N 25  
ARG CG  HG3  sing N N 26  
ARG CD  NE   sing N N 27  
ARG CD  HD2  sing N N 28  
ARG CD  HD3  sing N N 29  
ARG NE  CZ   sing N N 30  
ARG NE  HE   sing N N 31  
ARG CZ  NH1  sing N N 32  
ARG CZ  NH2  doub N N 33  
ARG NH1 HH11 sing N N 34  
ARG NH1 HH12 sing N N 35  
ARG NH2 HH21 sing N N 36  
ARG NH2 HH22 sing N N 37  
ARG OXT HXT  sing N N 38  
ASN N   CA   sing N N 39  
ASN N   H    sing N N 40  
ASN N   H2   sing N N 41  
ASN CA  C    sing N N 42  
ASN CA  CB   sing N N 43  
ASN CA  HA   sing N N 44  
ASN C   O    doub N N 45  
ASN C   OXT  sing N N 46  
ASN CB  CG   sing N N 47  
ASN CB  HB2  sing N N 48  
ASN CB  HB3  sing N N 49  
ASN CG  OD1  doub N N 50  
ASN CG  ND2  sing N N 51  
ASN ND2 HD21 sing N N 52  
ASN ND2 HD22 sing N N 53  
ASN OXT HXT  sing N N 54  
ASP N   CA   sing N N 55  
ASP N   H    sing N N 56  
ASP N   H2   sing N N 57  
ASP CA  C    sing N N 58  
ASP CA  CB   sing N N 59  
ASP CA  HA   sing N N 60  
ASP C   O    doub N N 61  
ASP C   OXT  sing N N 62  
ASP CB  CG   sing N N 63  
ASP CB  HB2  sing N N 64  
ASP CB  HB3  sing N N 65  
ASP CG  OD1  doub N N 66  
ASP CG  OD2  sing N N 67  
ASP OD2 HD2  sing N N 68  
ASP OXT HXT  sing N N 69  
CYS N   CA   sing N N 70  
CYS N   H    sing N N 71  
CYS N   H2   sing N N 72  
CYS CA  C    sing N N 73  
CYS CA  CB   sing N N 74  
CYS CA  HA   sing N N 75  
CYS C   O    doub N N 76  
CYS C   OXT  sing N N 77  
CYS CB  SG   sing N N 78  
CYS CB  HB2  sing N N 79  
CYS CB  HB3  sing N N 80  
CYS SG  HG   sing N N 81  
CYS OXT HXT  sing N N 82  
GLN N   CA   sing N N 83  
GLN N   H    sing N N 84  
GLN N   H2   sing N N 85  
GLN CA  C    sing N N 86  
GLN CA  CB   sing N N 87  
GLN CA  HA   sing N N 88  
GLN C   O    doub N N 89  
GLN C   OXT  sing N N 90  
GLN CB  CG   sing N N 91  
GLN CB  HB2  sing N N 92  
GLN CB  HB3  sing N N 93  
GLN CG  CD   sing N N 94  
GLN CG  HG2  sing N N 95  
GLN CG  HG3  sing N N 96  
GLN CD  OE1  doub N N 97  
GLN CD  NE2  sing N N 98  
GLN NE2 HE21 sing N N 99  
GLN NE2 HE22 sing N N 100 
GLN OXT HXT  sing N N 101 
GLU N   CA   sing N N 102 
GLU N   H    sing N N 103 
GLU N   H2   sing N N 104 
GLU CA  C    sing N N 105 
GLU CA  CB   sing N N 106 
GLU CA  HA   sing N N 107 
GLU C   O    doub N N 108 
GLU C   OXT  sing N N 109 
GLU CB  CG   sing N N 110 
GLU CB  HB2  sing N N 111 
GLU CB  HB3  sing N N 112 
GLU CG  CD   sing N N 113 
GLU CG  HG2  sing N N 114 
GLU CG  HG3  sing N N 115 
GLU CD  OE1  doub N N 116 
GLU CD  OE2  sing N N 117 
GLU OE2 HE2  sing N N 118 
GLU OXT HXT  sing N N 119 
GLY N   CA   sing N N 120 
GLY N   H    sing N N 121 
GLY N   H2   sing N N 122 
GLY CA  C    sing N N 123 
GLY CA  HA2  sing N N 124 
GLY CA  HA3  sing N N 125 
GLY C   O    doub N N 126 
GLY C   OXT  sing N N 127 
GLY OXT HXT  sing N N 128 
HOH O   H1   sing N N 129 
HOH O   H2   sing N N 130 
ILE N   CA   sing N N 131 
ILE N   H    sing N N 132 
ILE N   H2   sing N N 133 
ILE CA  C    sing N N 134 
ILE CA  CB   sing N N 135 
ILE CA  HA   sing N N 136 
ILE C   O    doub N N 137 
ILE C   OXT  sing N N 138 
ILE CB  CG1  sing N N 139 
ILE CB  CG2  sing N N 140 
ILE CB  HB   sing N N 141 
ILE CG1 CD1  sing N N 142 
ILE CG1 HG12 sing N N 143 
ILE CG1 HG13 sing N N 144 
ILE CG2 HG21 sing N N 145 
ILE CG2 HG22 sing N N 146 
ILE CG2 HG23 sing N N 147 
ILE CD1 HD11 sing N N 148 
ILE CD1 HD12 sing N N 149 
ILE CD1 HD13 sing N N 150 
ILE OXT HXT  sing N N 151 
LEU N   CA   sing N N 152 
LEU N   H    sing N N 153 
LEU N   H2   sing N N 154 
LEU CA  C    sing N N 155 
LEU CA  CB   sing N N 156 
LEU CA  HA   sing N N 157 
LEU C   O    doub N N 158 
LEU C   OXT  sing N N 159 
LEU CB  CG   sing N N 160 
LEU CB  HB2  sing N N 161 
LEU CB  HB3  sing N N 162 
LEU CG  CD1  sing N N 163 
LEU CG  CD2  sing N N 164 
LEU CG  HG   sing N N 165 
LEU CD1 HD11 sing N N 166 
LEU CD1 HD12 sing N N 167 
LEU CD1 HD13 sing N N 168 
LEU CD2 HD21 sing N N 169 
LEU CD2 HD22 sing N N 170 
LEU CD2 HD23 sing N N 171 
LEU OXT HXT  sing N N 172 
MET N   CA   sing N N 173 
MET N   H    sing N N 174 
MET N   H2   sing N N 175 
MET CA  C    sing N N 176 
MET CA  CB   sing N N 177 
MET CA  HA   sing N N 178 
MET C   O    doub N N 179 
MET C   OXT  sing N N 180 
MET CB  CG   sing N N 181 
MET CB  HB2  sing N N 182 
MET CB  HB3  sing N N 183 
MET CG  SD   sing N N 184 
MET CG  HG2  sing N N 185 
MET CG  HG3  sing N N 186 
MET SD  CE   sing N N 187 
MET CE  HE1  sing N N 188 
MET CE  HE2  sing N N 189 
MET CE  HE3  sing N N 190 
MET OXT HXT  sing N N 191 
PHE N   CA   sing N N 192 
PHE N   H    sing N N 193 
PHE N   H2   sing N N 194 
PHE CA  C    sing N N 195 
PHE CA  CB   sing N N 196 
PHE CA  HA   sing N N 197 
PHE C   O    doub N N 198 
PHE C   OXT  sing N N 199 
PHE CB  CG   sing N N 200 
PHE CB  HB2  sing N N 201 
PHE CB  HB3  sing N N 202 
PHE CG  CD1  doub Y N 203 
PHE CG  CD2  sing Y N 204 
PHE CD1 CE1  sing Y N 205 
PHE CD1 HD1  sing N N 206 
PHE CD2 CE2  doub Y N 207 
PHE CD2 HD2  sing N N 208 
PHE CE1 CZ   doub Y N 209 
PHE CE1 HE1  sing N N 210 
PHE CE2 CZ   sing Y N 211 
PHE CE2 HE2  sing N N 212 
PHE CZ  HZ   sing N N 213 
PHE OXT HXT  sing N N 214 
PRO N   CA   sing N N 215 
PRO N   CD   sing N N 216 
PRO N   H    sing N N 217 
PRO CA  C    sing N N 218 
PRO CA  CB   sing N N 219 
PRO CA  HA   sing N N 220 
PRO C   O    doub N N 221 
PRO C   OXT  sing N N 222 
PRO CB  CG   sing N N 223 
PRO CB  HB2  sing N N 224 
PRO CB  HB3  sing N N 225 
PRO CG  CD   sing N N 226 
PRO CG  HG2  sing N N 227 
PRO CG  HG3  sing N N 228 
PRO CD  HD2  sing N N 229 
PRO CD  HD3  sing N N 230 
PRO OXT HXT  sing N N 231 
SER N   CA   sing N N 232 
SER N   H    sing N N 233 
SER N   H2   sing N N 234 
SER CA  C    sing N N 235 
SER CA  CB   sing N N 236 
SER CA  HA   sing N N 237 
SER C   O    doub N N 238 
SER C   OXT  sing N N 239 
SER CB  OG   sing N N 240 
SER CB  HB2  sing N N 241 
SER CB  HB3  sing N N 242 
SER OG  HG   sing N N 243 
SER OXT HXT  sing N N 244 
THR N   CA   sing N N 245 
THR N   H    sing N N 246 
THR N   H2   sing N N 247 
THR CA  C    sing N N 248 
THR CA  CB   sing N N 249 
THR CA  HA   sing N N 250 
THR C   O    doub N N 251 
THR C   OXT  sing N N 252 
THR CB  OG1  sing N N 253 
THR CB  CG2  sing N N 254 
THR CB  HB   sing N N 255 
THR OG1 HG1  sing N N 256 
THR CG2 HG21 sing N N 257 
THR CG2 HG22 sing N N 258 
THR CG2 HG23 sing N N 259 
THR OXT HXT  sing N N 260 
TRP N   CA   sing N N 261 
TRP N   H    sing N N 262 
TRP N   H2   sing N N 263 
TRP CA  C    sing N N 264 
TRP CA  CB   sing N N 265 
TRP CA  HA   sing N N 266 
TRP C   O    doub N N 267 
TRP C   OXT  sing N N 268 
TRP CB  CG   sing N N 269 
TRP CB  HB2  sing N N 270 
TRP CB  HB3  sing N N 271 
TRP CG  CD1  doub Y N 272 
TRP CG  CD2  sing Y N 273 
TRP CD1 NE1  sing Y N 274 
TRP CD1 HD1  sing N N 275 
TRP CD2 CE2  doub Y N 276 
TRP CD2 CE3  sing Y N 277 
TRP NE1 CE2  sing Y N 278 
TRP NE1 HE1  sing N N 279 
TRP CE2 CZ2  sing Y N 280 
TRP CE3 CZ3  doub Y N 281 
TRP CE3 HE3  sing N N 282 
TRP CZ2 CH2  doub Y N 283 
TRP CZ2 HZ2  sing N N 284 
TRP CZ3 CH2  sing Y N 285 
TRP CZ3 HZ3  sing N N 286 
TRP CH2 HH2  sing N N 287 
TRP OXT HXT  sing N N 288 
VAL N   CA   sing N N 289 
VAL N   H    sing N N 290 
VAL N   H2   sing N N 291 
VAL CA  C    sing N N 292 
VAL CA  CB   sing N N 293 
VAL CA  HA   sing N N 294 
VAL C   O    doub N N 295 
VAL C   OXT  sing N N 296 
VAL CB  CG1  sing N N 297 
VAL CB  CG2  sing N N 298 
VAL CB  HB   sing N N 299 
VAL CG1 HG11 sing N N 300 
VAL CG1 HG12 sing N N 301 
VAL CG1 HG13 sing N N 302 
VAL CG2 HG21 sing N N 303 
VAL CG2 HG22 sing N N 304 
VAL CG2 HG23 sing N N 305 
VAL OXT HXT  sing N N 306 
# 
_pdbx_entity_nonpoly.entity_id   2 
_pdbx_entity_nonpoly.name        water 
_pdbx_entity_nonpoly.comp_id     HOH 
# 
_pdbx_initial_refinement_model.id               1 
_pdbx_initial_refinement_model.entity_id_list   ? 
_pdbx_initial_refinement_model.type             'experimental model' 
_pdbx_initial_refinement_model.source_name      PDB 
_pdbx_initial_refinement_model.accession_code   2DAM 
_pdbx_initial_refinement_model.details          'PDB ENTRY 2DAM' 
# 
